data_5DUQ
#
_entry.id   5DUQ
#
_cell.length_a   112.100
_cell.length_b   197.424
_cell.length_c   56.779
_cell.angle_alpha   90.00
_cell.angle_beta   103.31
_cell.angle_gamma   90.00
#
_symmetry.space_group_name_H-M   'C 1 2 1'
#
loop_
_entity.id
_entity.type
_entity.pdbx_description
1 polymer 'Plasma protease C1 inhibitor'
2 branched beta-D-glucopyranose-(1-4)-alpha-D-glucopyranose
3 non-polymer 2-acetamido-2-deoxy-beta-D-glucopyranose
4 non-polymer alpha-D-glucopyranose
5 non-polymer 'SULFITE ION'
6 water water
#
_entity_poly.entity_id   1
_entity_poly.type   'polypeptide(L)'
_entity_poly.pdbx_seq_one_letter_code
;TTGSFCPGPVTLCSDLESHSTEAVLGDALVDFSLKLYHAFSAMKKVETNMAFSPFSIASLLTQVLLGAGENTKTNLESIL
SYPKDFTCVHQALKGFTTKGVTSVSQIFHSPDLAIRDTFVNASRTLYSSSPRVLSNNSDANLELINTWVAKNTNNKISRL
LDSLPSDTRLVLLNAIYLSAKWKTTFDPKKTRMEPFHFKNSVIKVPMMNSKKYPVAHFIDQTLKAKVGQLQLSHNLSLVI
LVPQNLKHRLEDMEQALSPSVFKAIMEKLEMSKFQPTLLTLPRIKVTTSQDMLSIMEKLEFFDFSYDLNLCGLTEDPDLQ
VSAMQHQTVLELTETGVEAAAASAISVARTLLVFEVQQPFLFMLWDQQHKFPVFMGRVYDPRA
;
_entity_poly.pdbx_strand_id   A,B
#
# COMPACT_ATOMS: atom_id res chain seq x y z
N SER A 20 34.11 -24.79 17.01
CA SER A 20 35.17 -23.91 17.65
C SER A 20 35.74 -22.85 16.67
N THR A 21 36.21 -23.36 15.54
CA THR A 21 36.71 -22.56 14.45
C THR A 21 35.57 -22.04 13.57
N GLU A 22 34.36 -22.60 13.71
CA GLU A 22 33.16 -22.09 13.01
C GLU A 22 32.87 -20.65 13.48
N ALA A 23 33.00 -20.43 14.79
CA ALA A 23 32.88 -19.09 15.42
C ALA A 23 33.95 -18.12 14.93
N VAL A 24 35.19 -18.56 15.12
CA VAL A 24 36.37 -17.77 14.76
C VAL A 24 36.40 -17.44 13.26
N LEU A 25 36.14 -18.43 12.42
CA LEU A 25 36.02 -18.20 10.97
C LEU A 25 34.87 -17.22 10.66
N GLY A 26 33.75 -17.41 11.34
CA GLY A 26 32.58 -16.53 11.18
C GLY A 26 32.97 -15.07 11.29
N ASP A 27 33.53 -14.71 12.45
CA ASP A 27 34.06 -13.36 12.73
C ASP A 27 34.98 -12.85 11.64
N ALA A 28 35.95 -13.67 11.28
CA ALA A 28 36.97 -13.31 10.29
C ALA A 28 36.38 -13.00 8.91
N LEU A 29 35.30 -13.70 8.58
CA LEU A 29 34.59 -13.50 7.32
C LEU A 29 33.82 -12.18 7.26
N VAL A 30 33.27 -11.78 8.39
CA VAL A 30 32.63 -10.48 8.50
C VAL A 30 33.67 -9.39 8.23
N ASP A 31 34.78 -9.47 8.96
CA ASP A 31 35.85 -8.47 8.88
C ASP A 31 36.36 -8.37 7.46
N PHE A 32 36.61 -9.53 6.87
CA PHE A 32 37.04 -9.62 5.48
C PHE A 32 36.02 -8.98 4.52
N SER A 33 34.74 -9.24 4.75
CA SER A 33 33.68 -8.78 3.83
C SER A 33 33.65 -7.27 3.70
N LEU A 34 33.78 -6.58 4.83
CA LEU A 34 33.83 -5.12 4.85
C LEU A 34 35.05 -4.64 4.11
N LYS A 35 36.19 -5.26 4.39
CA LYS A 35 37.46 -4.90 3.75
C LYS A 35 37.30 -4.90 2.25
N LEU A 36 36.68 -5.98 1.75
CA LEU A 36 36.31 -6.10 0.34
C LEU A 36 35.31 -5.05 -0.06
N TYR A 37 34.28 -4.86 0.75
CA TYR A 37 33.23 -3.90 0.45
C TYR A 37 33.84 -2.57 0.03
N HIS A 38 34.67 -2.04 0.91
CA HIS A 38 35.27 -0.73 0.70
C HIS A 38 36.24 -0.71 -0.46
N ALA A 39 37.06 -1.73 -0.53
CA ALA A 39 37.99 -1.87 -1.65
C ALA A 39 37.27 -1.97 -2.99
N PHE A 40 36.17 -2.69 -3.01
CA PHE A 40 35.30 -2.74 -4.17
C PHE A 40 34.67 -1.39 -4.45
N SER A 41 34.16 -0.76 -3.39
CA SER A 41 33.57 0.58 -3.45
C SER A 41 34.51 1.54 -4.15
N ALA A 42 35.77 1.49 -3.70
CA ALA A 42 36.86 2.28 -4.23
C ALA A 42 37.19 2.04 -5.71
N MET A 43 37.36 0.78 -6.11
CA MET A 43 37.68 0.49 -7.52
C MET A 43 36.56 0.84 -8.50
N LYS A 44 35.33 0.79 -8.00
CA LYS A 44 34.15 1.08 -8.79
C LYS A 44 33.87 2.57 -8.74
N LYS A 45 33.12 3.01 -9.74
CA LYS A 45 32.67 4.38 -9.83
C LYS A 45 31.73 4.69 -8.66
N VAL A 46 31.15 5.88 -8.67
CA VAL A 46 30.71 6.51 -7.41
C VAL A 46 29.24 6.19 -7.02
N GLU A 47 28.36 6.05 -8.03
CA GLU A 47 26.96 5.70 -7.77
C GLU A 47 26.58 4.46 -8.59
N THR A 48 27.35 3.41 -8.35
CA THR A 48 27.24 2.11 -9.07
C THR A 48 26.70 0.94 -8.24
N ASN A 49 25.85 0.12 -8.88
CA ASN A 49 25.44 -1.15 -8.29
C ASN A 49 26.63 -2.04 -8.14
N MET A 50 26.74 -2.75 -7.02
CA MET A 50 27.70 -3.82 -6.94
C MET A 50 27.23 -4.99 -6.10
N ALA A 51 27.92 -6.10 -6.33
CA ALA A 51 27.63 -7.35 -5.67
C ALA A 51 28.87 -8.21 -5.80
N PHE A 52 29.25 -8.83 -4.69
CA PHE A 52 30.42 -9.69 -4.68
C PHE A 52 30.26 -10.71 -3.54
N SER A 53 31.07 -11.75 -3.53
CA SER A 53 30.91 -12.85 -2.58
C SER A 53 32.14 -12.96 -1.69
N PRO A 54 32.06 -12.46 -0.43
CA PRO A 54 33.15 -12.62 0.54
C PRO A 54 33.53 -14.04 0.83
N PHE A 55 32.53 -14.91 0.87
CA PHE A 55 32.75 -16.32 1.19
C PHE A 55 33.56 -17.02 0.11
N SER A 56 33.12 -16.88 -1.14
CA SER A 56 33.74 -17.62 -2.24
C SER A 56 35.11 -17.05 -2.60
N ILE A 57 35.25 -15.74 -2.51
CA ILE A 57 36.59 -15.12 -2.61
C ILE A 57 37.50 -15.62 -1.48
N ALA A 58 37.03 -15.57 -0.23
CA ALA A 58 37.82 -16.03 0.93
C ALA A 58 38.22 -17.49 0.80
N SER A 59 37.31 -18.31 0.29
CA SER A 59 37.60 -19.73 0.12
C SER A 59 38.65 -19.92 -0.98
N LEU A 60 38.54 -19.17 -2.08
CA LEU A 60 39.56 -19.24 -3.14
C LEU A 60 40.91 -18.85 -2.58
N LEU A 61 40.97 -17.73 -1.86
CA LEU A 61 42.21 -17.28 -1.19
C LEU A 61 42.67 -18.26 -0.12
N THR A 62 41.75 -18.87 0.61
CA THR A 62 42.14 -19.89 1.58
C THR A 62 42.67 -21.18 0.93
N GLN A 63 42.19 -21.50 -0.26
CA GLN A 63 42.79 -22.58 -1.08
C GLN A 63 44.26 -22.29 -1.38
N VAL A 64 44.53 -21.06 -1.80
CA VAL A 64 45.91 -20.60 -2.12
C VAL A 64 46.78 -20.58 -0.88
N LEU A 65 46.23 -20.09 0.23
CA LEU A 65 46.89 -20.11 1.56
C LEU A 65 47.43 -21.48 1.99
N LEU A 66 46.70 -22.52 1.61
CA LEU A 66 47.10 -23.92 1.85
C LEU A 66 48.54 -24.23 1.45
N GLY A 67 48.93 -23.74 0.28
CA GLY A 67 50.28 -23.91 -0.24
C GLY A 67 51.13 -22.66 -0.26
N ALA A 68 50.84 -21.71 0.63
CA ALA A 68 51.69 -20.53 0.77
C ALA A 68 52.65 -20.79 1.92
N GLY A 69 53.78 -20.09 1.88
CA GLY A 69 54.82 -20.16 2.92
C GLY A 69 55.43 -18.84 3.33
N GLU A 70 56.08 -18.88 4.50
CA GLU A 70 56.86 -17.79 5.13
C GLU A 70 56.11 -16.47 5.20
N ASN A 71 56.16 -15.70 4.10
CA ASN A 71 55.60 -14.33 4.01
C ASN A 71 54.19 -14.26 3.46
N THR A 72 54.03 -14.85 2.28
CA THR A 72 52.73 -14.95 1.64
C THR A 72 51.70 -15.61 2.57
N LYS A 73 52.13 -16.61 3.34
CA LYS A 73 51.25 -17.22 4.33
C LYS A 73 50.78 -16.21 5.38
N THR A 74 51.72 -15.58 6.08
CA THR A 74 51.38 -14.55 7.13
C THR A 74 50.57 -13.35 6.61
N ASN A 75 50.85 -12.95 5.37
CA ASN A 75 50.14 -11.85 4.69
C ASN A 75 48.70 -12.16 4.29
N LEU A 76 48.48 -13.35 3.74
CA LEU A 76 47.11 -13.84 3.48
C LEU A 76 46.34 -13.96 4.77
N GLU A 77 46.93 -14.65 5.74
CA GLU A 77 46.31 -14.81 7.06
C GLU A 77 45.79 -13.48 7.57
N SER A 78 46.65 -12.48 7.44
CA SER A 78 46.35 -11.09 7.80
C SER A 78 45.10 -10.54 7.07
N ILE A 79 45.15 -10.57 5.74
CA ILE A 79 44.04 -10.08 4.88
C ILE A 79 42.69 -10.72 5.24
N LEU A 80 42.69 -12.05 5.25
CA LEU A 80 41.53 -12.91 5.53
C LEU A 80 41.08 -12.87 6.97
N SER A 81 41.86 -12.19 7.81
CA SER A 81 41.55 -11.98 9.22
C SER A 81 41.63 -13.27 10.05
N TYR A 82 42.33 -14.29 9.53
CA TYR A 82 42.53 -15.55 10.27
C TYR A 82 43.65 -15.37 11.29
N PRO A 83 43.53 -16.04 12.46
CA PRO A 83 44.61 -16.05 13.41
C PRO A 83 45.68 -17.03 12.97
N LYS A 84 46.73 -17.12 13.78
CA LYS A 84 47.87 -17.98 13.49
C LYS A 84 47.51 -19.44 13.60
N ASP A 85 48.04 -20.24 12.67
CA ASP A 85 47.92 -21.70 12.74
C ASP A 85 46.45 -22.10 12.82
N PHE A 86 45.72 -21.55 11.86
CA PHE A 86 44.29 -21.76 11.73
C PHE A 86 44.16 -22.83 10.66
N THR A 87 44.57 -24.03 11.06
CA THR A 87 44.73 -25.18 10.16
C THR A 87 43.38 -25.83 9.85
N CYS A 88 42.53 -25.84 10.86
CA CYS A 88 41.16 -26.30 10.73
C CYS A 88 40.36 -25.66 9.61
N VAL A 89 40.58 -24.36 9.39
CA VAL A 89 39.88 -23.54 8.37
C VAL A 89 39.44 -24.24 7.08
N HIS A 90 40.29 -25.12 6.53
CA HIS A 90 40.02 -25.71 5.22
C HIS A 90 38.81 -26.63 5.29
N GLN A 91 38.77 -27.45 6.34
CA GLN A 91 37.56 -28.22 6.69
C GLN A 91 36.39 -27.26 6.90
N ALA A 92 36.53 -26.36 7.87
CA ALA A 92 35.44 -25.43 8.29
C ALA A 92 34.79 -24.78 7.09
N LEU A 93 35.61 -24.24 6.20
CA LEU A 93 35.14 -23.63 4.95
C LEU A 93 34.38 -24.58 4.05
N LYS A 94 34.85 -25.80 3.88
CA LYS A 94 34.07 -26.76 3.11
C LYS A 94 32.71 -27.02 3.80
N GLY A 95 32.74 -27.08 5.14
CA GLY A 95 31.53 -27.31 5.97
C GLY A 95 30.50 -26.20 5.86
N PHE A 96 30.99 -24.99 5.66
CA PHE A 96 30.15 -23.79 5.49
C PHE A 96 29.34 -23.77 4.18
N THR A 97 29.91 -24.36 3.12
CA THR A 97 29.35 -24.32 1.75
C THR A 97 27.82 -24.45 1.74
N THR A 98 27.14 -23.47 1.14
CA THR A 98 25.68 -23.46 1.00
C THR A 98 25.29 -23.99 -0.39
N LYS A 99 24.19 -24.74 -0.39
CA LYS A 99 23.59 -25.26 -1.62
C LYS A 99 22.77 -24.16 -2.28
N GLY A 100 22.61 -23.04 -1.56
CA GLY A 100 21.89 -21.87 -2.06
C GLY A 100 22.67 -21.02 -3.06
N VAL A 101 23.90 -21.44 -3.33
CA VAL A 101 24.70 -20.88 -4.41
C VAL A 101 25.31 -21.94 -5.28
N THR A 102 25.71 -21.52 -6.46
CA THR A 102 26.54 -22.31 -7.34
C THR A 102 27.89 -21.60 -7.46
N SER A 103 28.90 -22.14 -6.77
CA SER A 103 30.21 -21.48 -6.62
C SER A 103 31.31 -22.33 -7.25
N VAL A 104 31.89 -21.77 -8.30
CA VAL A 104 32.98 -22.35 -9.04
C VAL A 104 34.27 -21.61 -8.69
N SER A 105 35.38 -22.32 -8.53
CA SER A 105 36.65 -21.64 -8.20
C SER A 105 37.89 -22.49 -8.44
N GLN A 106 38.44 -22.41 -9.65
CA GLN A 106 39.68 -23.13 -10.00
C GLN A 106 40.94 -22.27 -10.00
N ILE A 107 42.03 -22.86 -9.53
CA ILE A 107 43.40 -22.38 -9.83
C ILE A 107 43.85 -23.02 -11.14
N PHE A 108 43.97 -22.28 -12.21
CA PHE A 108 44.61 -22.82 -13.40
C PHE A 108 46.09 -22.55 -13.28
N HIS A 109 46.83 -23.17 -14.20
CA HIS A 109 48.30 -23.07 -14.32
C HIS A 109 48.79 -23.59 -15.67
N SER A 110 49.89 -23.00 -16.14
CA SER A 110 50.47 -23.36 -17.45
C SER A 110 51.27 -24.68 -17.39
N PRO A 111 51.46 -25.31 -18.54
CA PRO A 111 52.22 -26.56 -18.57
C PRO A 111 53.62 -26.44 -18.00
N ASP A 112 54.34 -25.40 -18.39
CA ASP A 112 55.71 -25.15 -17.85
C ASP A 112 55.76 -25.12 -16.30
N LEU A 113 54.66 -24.80 -15.65
CA LEU A 113 54.60 -24.87 -14.20
C LEU A 113 54.18 -26.25 -13.73
N ALA A 114 54.88 -26.71 -12.71
CA ALA A 114 54.72 -28.04 -12.14
C ALA A 114 54.18 -27.94 -10.71
N ILE A 115 53.01 -28.53 -10.51
CA ILE A 115 52.30 -28.47 -9.23
C ILE A 115 52.72 -29.65 -8.34
N ARG A 116 53.03 -29.39 -7.09
CA ARG A 116 53.37 -30.43 -6.10
C ARG A 116 52.24 -31.43 -5.81
N ASP A 117 52.63 -32.68 -5.69
CA ASP A 117 51.72 -33.79 -5.41
C ASP A 117 51.02 -33.57 -4.09
N THR A 118 51.81 -33.36 -3.05
CA THR A 118 51.29 -33.16 -1.68
C THR A 118 50.22 -32.06 -1.59
N PHE A 119 50.33 -31.07 -2.48
CA PHE A 119 49.26 -30.08 -2.66
C PHE A 119 48.05 -30.74 -3.30
N VAL A 120 48.23 -31.31 -4.48
CA VAL A 120 47.08 -31.84 -5.28
C VAL A 120 46.21 -32.83 -4.48
N ASN A 121 46.84 -33.63 -3.62
CA ASN A 121 46.10 -34.47 -2.68
C ASN A 121 45.29 -33.60 -1.68
N ALA A 122 45.97 -32.68 -1.01
CA ALA A 122 45.32 -31.77 -0.04
C ALA A 122 44.17 -30.92 -0.66
N SER A 123 44.41 -30.43 -1.87
CA SER A 123 43.35 -29.77 -2.67
C SER A 123 42.14 -30.68 -2.93
N ARG A 124 42.42 -31.93 -3.28
CA ARG A 124 41.38 -32.96 -3.51
C ARG A 124 40.63 -33.39 -2.27
N THR A 125 41.39 -33.67 -1.21
CA THR A 125 40.81 -33.90 0.12
C THR A 125 39.85 -32.78 0.55
N LEU A 126 40.34 -31.53 0.50
CA LEU A 126 39.68 -30.39 1.17
C LEU A 126 38.85 -29.45 0.29
N TYR A 127 39.26 -29.23 -0.94
CA TYR A 127 38.55 -28.29 -1.82
C TYR A 127 37.84 -29.02 -2.94
N SER A 128 37.94 -30.35 -2.86
CA SER A 128 37.41 -31.29 -3.86
C SER A 128 37.43 -30.69 -5.28
N SER A 129 38.66 -30.41 -5.68
CA SER A 129 39.07 -30.05 -7.03
C SER A 129 40.61 -30.03 -6.97
N SER A 130 41.23 -29.72 -8.09
CA SER A 130 42.68 -29.53 -8.14
C SER A 130 43.08 -28.68 -9.33
N PRO A 131 44.22 -27.99 -9.23
CA PRO A 131 44.65 -27.12 -10.29
C PRO A 131 44.54 -27.76 -11.65
N ARG A 132 43.88 -27.08 -12.57
CA ARG A 132 43.79 -27.53 -13.97
C ARG A 132 45.01 -27.06 -14.74
N VAL A 133 45.08 -27.43 -16.01
CA VAL A 133 46.23 -27.11 -16.83
C VAL A 133 45.78 -26.44 -18.10
N LEU A 134 46.54 -25.42 -18.46
CA LEU A 134 46.30 -24.64 -19.66
C LEU A 134 46.85 -25.32 -20.89
N SER A 135 46.11 -25.21 -21.99
CA SER A 135 46.60 -25.55 -23.33
C SER A 135 47.97 -24.90 -23.64
N ASN A 136 48.44 -25.01 -24.87
CA ASN A 136 49.75 -24.45 -25.23
C ASN A 136 49.72 -22.99 -25.67
N ASN A 137 48.86 -22.66 -26.62
CA ASN A 137 48.79 -21.27 -27.13
C ASN A 137 47.80 -20.42 -26.31
N SER A 138 48.23 -19.20 -25.97
CA SER A 138 47.46 -18.24 -25.15
C SER A 138 45.98 -18.16 -25.52
N ASP A 139 45.74 -18.10 -26.84
CA ASP A 139 44.40 -17.84 -27.40
C ASP A 139 43.43 -19.02 -27.29
N ALA A 140 43.99 -20.21 -27.22
CA ALA A 140 43.22 -21.43 -26.97
C ALA A 140 42.62 -21.44 -25.56
N ASN A 141 43.35 -20.86 -24.61
CA ASN A 141 42.96 -20.91 -23.18
C ASN A 141 41.74 -20.09 -22.79
N LEU A 142 41.58 -18.96 -23.45
CA LEU A 142 40.50 -18.07 -23.10
C LEU A 142 39.18 -18.79 -23.36
N GLU A 143 39.03 -19.33 -24.56
CA GLU A 143 37.87 -20.19 -24.89
C GLU A 143 37.72 -21.40 -23.96
N LEU A 144 38.83 -22.05 -23.64
CA LEU A 144 38.85 -23.14 -22.65
C LEU A 144 38.14 -22.69 -21.37
N ILE A 145 38.67 -21.65 -20.77
CA ILE A 145 38.20 -21.18 -19.46
C ILE A 145 36.76 -20.65 -19.47
N ASN A 146 36.37 -19.94 -20.51
CA ASN A 146 35.01 -19.39 -20.56
C ASN A 146 33.96 -20.49 -20.76
N THR A 147 34.31 -21.46 -21.60
CA THR A 147 33.54 -22.72 -21.74
C THR A 147 33.47 -23.47 -20.41
N TRP A 148 34.62 -23.66 -19.79
CA TRP A 148 34.73 -24.37 -18.49
C TRP A 148 33.93 -23.72 -17.37
N VAL A 149 33.87 -22.40 -17.38
CA VAL A 149 33.10 -21.62 -16.40
C VAL A 149 31.63 -21.71 -16.72
N ALA A 150 31.31 -21.55 -18.00
CA ALA A 150 29.92 -21.70 -18.50
C ALA A 150 29.32 -23.06 -18.15
N LYS A 151 30.09 -24.12 -18.42
CA LYS A 151 29.65 -25.51 -18.18
C LYS A 151 29.28 -25.73 -16.72
N ASN A 152 30.17 -25.35 -15.83
CA ASN A 152 29.99 -25.59 -14.39
C ASN A 152 29.23 -24.51 -13.61
N THR A 153 28.74 -23.50 -14.33
CA THR A 153 27.82 -22.50 -13.78
C THR A 153 26.51 -22.53 -14.54
N ASN A 154 26.26 -23.63 -15.24
CA ASN A 154 25.02 -23.84 -16.00
C ASN A 154 24.65 -22.58 -16.81
N ASN A 155 25.66 -22.03 -17.47
CA ASN A 155 25.56 -20.84 -18.35
C ASN A 155 25.09 -19.49 -17.75
N LYS A 156 25.01 -19.42 -16.43
CA LYS A 156 24.71 -18.15 -15.75
C LYS A 156 25.85 -17.13 -16.00
N ILE A 157 27.06 -17.50 -15.62
CA ILE A 157 28.29 -16.79 -16.02
C ILE A 157 28.83 -17.54 -17.22
N SER A 158 28.70 -16.95 -18.41
CA SER A 158 29.33 -17.55 -19.59
C SER A 158 30.78 -17.05 -19.64
N ARG A 159 30.91 -15.76 -19.90
CA ARG A 159 32.17 -15.11 -20.24
C ARG A 159 32.85 -14.50 -19.05
N LEU A 160 33.53 -15.32 -18.27
CA LEU A 160 34.26 -14.83 -17.10
C LEU A 160 35.39 -13.84 -17.47
N LEU A 161 36.09 -14.16 -18.56
CA LEU A 161 37.23 -13.38 -19.05
C LEU A 161 37.05 -12.90 -20.47
N ASP A 162 37.62 -11.72 -20.73
CA ASP A 162 37.74 -11.11 -22.08
C ASP A 162 39.17 -11.10 -22.61
N SER A 163 40.13 -11.18 -21.70
CA SER A 163 41.54 -11.32 -22.06
C SER A 163 42.25 -12.17 -21.02
N LEU A 164 43.38 -12.74 -21.44
CA LEU A 164 44.38 -13.32 -20.54
C LEU A 164 45.69 -12.61 -20.85
N PRO A 165 46.63 -12.54 -19.88
CA PRO A 165 47.97 -12.23 -20.33
C PRO A 165 48.52 -13.25 -21.36
N SER A 166 49.71 -12.97 -21.83
CA SER A 166 50.40 -13.81 -22.82
C SER A 166 51.37 -14.77 -22.13
N ASP A 167 52.09 -14.25 -21.15
CA ASP A 167 53.04 -15.04 -20.33
C ASP A 167 52.41 -15.67 -19.07
N THR A 168 51.13 -16.03 -19.14
CA THR A 168 50.36 -16.49 -17.96
C THR A 168 50.83 -17.81 -17.42
N ARG A 169 51.12 -17.81 -16.13
CA ARG A 169 51.61 -19.01 -15.44
C ARG A 169 50.68 -19.53 -14.32
N LEU A 170 49.86 -18.65 -13.76
CA LEU A 170 49.02 -18.97 -12.61
C LEU A 170 47.76 -18.07 -12.59
N VAL A 171 46.62 -18.66 -12.87
CA VAL A 171 45.34 -17.93 -12.94
C VAL A 171 44.42 -18.42 -11.82
N LEU A 172 43.92 -17.50 -11.02
CA LEU A 172 42.89 -17.80 -10.01
C LEU A 172 41.55 -17.31 -10.51
N LEU A 173 40.50 -18.10 -10.37
CA LEU A 173 39.17 -17.73 -10.86
C LEU A 173 38.11 -18.01 -9.82
N ASN A 174 37.00 -17.27 -9.91
CA ASN A 174 35.84 -17.51 -9.05
C ASN A 174 34.58 -16.90 -9.58
N ALA A 175 33.77 -17.73 -10.23
CA ALA A 175 32.43 -17.36 -10.61
C ALA A 175 31.48 -17.92 -9.54
N ILE A 176 30.37 -17.24 -9.35
CA ILE A 176 29.38 -17.59 -8.33
C ILE A 176 28.05 -16.94 -8.65
N TYR A 177 26.97 -17.66 -8.43
CA TYR A 177 25.63 -17.07 -8.46
C TYR A 177 24.70 -17.65 -7.40
N LEU A 178 23.71 -16.84 -7.06
CA LEU A 178 22.66 -17.17 -6.12
C LEU A 178 21.57 -17.94 -6.80
N SER A 179 21.43 -19.19 -6.37
CA SER A 179 20.35 -20.08 -6.80
C SER A 179 19.17 -20.03 -5.83
N ALA A 180 19.43 -19.71 -4.55
CA ALA A 180 18.37 -19.56 -3.53
C ALA A 180 17.34 -18.49 -3.89
N LYS A 181 16.19 -18.62 -3.24
CA LYS A 181 15.03 -17.77 -3.46
C LYS A 181 14.41 -17.39 -2.14
N TRP A 182 13.45 -16.49 -2.25
CA TRP A 182 12.62 -16.09 -1.13
C TRP A 182 11.89 -17.29 -0.56
N LYS A 183 11.81 -17.37 0.75
CA LYS A 183 10.92 -18.35 1.39
C LYS A 183 9.51 -18.11 0.84
N THR A 184 9.06 -16.86 0.99
CA THR A 184 7.70 -16.38 0.65
C THR A 184 7.61 -15.68 -0.73
N THR A 185 6.86 -16.24 -1.67
CA THR A 185 6.73 -15.63 -3.00
C THR A 185 6.11 -14.22 -2.91
N PHE A 186 6.45 -13.40 -3.89
CA PHE A 186 5.82 -12.09 -4.12
C PHE A 186 4.85 -12.29 -5.29
N ASP A 187 3.68 -11.66 -5.22
CA ASP A 187 2.72 -11.71 -6.30
C ASP A 187 3.26 -10.85 -7.45
N PRO A 188 3.47 -11.44 -8.65
CA PRO A 188 3.93 -10.64 -9.81
C PRO A 188 2.91 -9.63 -10.30
N LYS A 189 1.63 -9.99 -10.14
CA LYS A 189 0.52 -9.07 -10.47
C LYS A 189 0.60 -7.78 -9.65
N LYS A 190 1.15 -7.90 -8.44
CA LYS A 190 1.41 -6.77 -7.52
C LYS A 190 2.85 -6.22 -7.60
N THR A 191 3.26 -5.84 -8.80
CA THR A 191 4.62 -5.32 -9.06
C THR A 191 4.53 -4.20 -10.12
N ARG A 192 4.25 -2.97 -9.68
CA ARG A 192 4.10 -1.80 -10.59
C ARG A 192 5.43 -1.01 -10.73
N MET A 193 5.47 -0.12 -11.72
CA MET A 193 6.54 0.91 -11.86
C MET A 193 6.33 2.05 -10.87
N GLU A 194 6.94 1.89 -9.69
CA GLU A 194 6.78 2.84 -8.58
C GLU A 194 8.09 3.61 -8.40
N PRO A 195 8.08 4.66 -7.57
CA PRO A 195 9.23 5.56 -7.55
C PRO A 195 10.39 5.13 -6.65
N PHE A 196 11.59 5.55 -7.07
CA PHE A 196 12.85 5.32 -6.36
C PHE A 196 13.71 6.59 -6.49
N HIS A 197 14.43 6.92 -5.42
CA HIS A 197 15.19 8.19 -5.31
C HIS A 197 16.64 8.12 -5.78
N PHE A 198 16.81 8.16 -7.09
CA PHE A 198 18.13 8.07 -7.68
C PHE A 198 18.71 9.46 -7.91
N LYS A 199 19.96 9.63 -7.48
CA LYS A 199 20.65 10.94 -7.42
C LYS A 199 19.78 11.89 -6.58
N ASN A 200 19.45 13.05 -7.12
CA ASN A 200 18.42 13.90 -6.52
C ASN A 200 17.12 14.00 -7.30
N SER A 201 17.07 13.38 -8.48
CA SER A 201 15.82 13.17 -9.20
C SER A 201 14.98 12.04 -8.55
N VAL A 202 13.87 11.70 -9.19
CA VAL A 202 13.14 10.48 -8.92
C VAL A 202 12.96 9.72 -10.21
N ILE A 203 13.17 8.41 -10.14
CA ILE A 203 13.02 7.51 -11.27
C ILE A 203 11.98 6.45 -10.94
N LYS A 204 11.41 5.86 -11.99
CA LYS A 204 10.38 4.83 -11.85
C LYS A 204 10.93 3.47 -12.23
N VAL A 205 10.80 2.52 -11.31
CA VAL A 205 11.46 1.21 -11.38
C VAL A 205 10.54 0.06 -10.96
N PRO A 206 10.66 -1.11 -11.61
CA PRO A 206 9.89 -2.28 -11.16
C PRO A 206 10.11 -2.55 -9.68
N MET A 207 9.00 -2.52 -8.95
CA MET A 207 8.98 -2.62 -7.48
C MET A 207 7.99 -3.64 -6.99
N MET A 208 8.42 -4.50 -6.09
CA MET A 208 7.65 -5.67 -5.66
C MET A 208 6.94 -5.24 -4.40
N ASN A 209 5.74 -5.79 -4.17
CA ASN A 209 4.95 -5.45 -2.98
C ASN A 209 4.23 -6.60 -2.33
N SER A 210 4.16 -6.50 -1.01
CA SER A 210 3.30 -7.39 -0.23
C SER A 210 2.84 -6.62 1.00
N LYS A 211 1.53 -6.57 1.15
CA LYS A 211 0.85 -5.92 2.24
C LYS A 211 1.16 -6.60 3.58
N LYS A 212 1.40 -7.90 3.53
CA LYS A 212 2.02 -8.60 4.68
C LYS A 212 3.09 -9.61 4.22
N TYR A 213 4.31 -9.10 4.07
CA TYR A 213 5.50 -9.94 3.90
C TYR A 213 6.12 -10.17 5.29
N PRO A 214 6.66 -11.39 5.57
CA PRO A 214 7.35 -11.55 6.87
C PRO A 214 8.72 -10.88 6.85
N VAL A 215 8.96 -10.02 7.82
CA VAL A 215 10.15 -9.15 7.85
C VAL A 215 10.62 -8.91 9.29
N ALA A 216 11.87 -9.24 9.59
CA ALA A 216 12.54 -8.80 10.82
C ALA A 216 13.22 -7.46 10.56
N HIS A 217 12.91 -6.44 11.35
CA HIS A 217 13.50 -5.11 11.12
C HIS A 217 13.61 -4.23 12.35
N PHE A 218 14.41 -3.17 12.22
CA PHE A 218 14.63 -2.16 13.28
C PHE A 218 15.42 -0.97 12.76
N ILE A 219 15.62 0.02 13.64
CA ILE A 219 16.48 1.18 13.38
C ILE A 219 17.79 1.13 14.17
N ASP A 220 18.89 1.46 13.48
CA ASP A 220 20.22 1.62 14.07
C ASP A 220 20.56 3.10 14.06
N GLN A 221 20.85 3.65 15.25
CA GLN A 221 21.19 5.07 15.41
C GLN A 221 22.56 5.42 14.81
N THR A 222 23.56 4.56 14.98
CA THR A 222 24.95 4.81 14.49
C THR A 222 25.05 5.09 13.00
N LEU A 223 24.40 4.22 12.24
CA LEU A 223 24.31 4.37 10.80
C LEU A 223 23.30 5.43 10.42
N LYS A 224 22.27 5.56 11.26
CA LYS A 224 21.06 6.33 10.97
C LYS A 224 20.43 5.66 9.76
N ALA A 225 19.93 4.46 10.01
CA ALA A 225 19.50 3.57 8.93
C ALA A 225 18.46 2.55 9.34
N LYS A 226 17.68 2.16 8.35
CA LYS A 226 16.73 1.08 8.47
C LYS A 226 17.44 -0.23 8.14
N VAL A 227 17.32 -1.20 9.04
CA VAL A 227 17.85 -2.55 8.86
C VAL A 227 16.70 -3.52 8.66
N GLY A 228 16.68 -4.22 7.53
CA GLY A 228 15.58 -5.16 7.21
C GLY A 228 16.03 -6.51 6.70
N GLN A 229 15.82 -7.53 7.51
CA GLN A 229 16.14 -8.92 7.15
C GLN A 229 14.89 -9.57 6.51
N LEU A 230 15.10 -10.33 5.46
CA LEU A 230 14.03 -11.05 4.76
C LEU A 230 14.43 -12.48 4.49
N GLN A 231 13.57 -13.42 4.85
CA GLN A 231 13.94 -14.83 4.76
C GLN A 231 14.02 -15.33 3.32
N LEU A 232 14.99 -16.21 3.13
CA LEU A 232 15.24 -16.90 1.85
C LEU A 232 15.36 -18.36 2.15
N SER A 233 15.35 -19.14 1.08
CA SER A 233 15.57 -20.56 1.17
C SER A 233 16.99 -20.91 1.69
N HIS A 234 17.18 -22.19 2.00
CA HIS A 234 18.45 -22.74 2.51
C HIS A 234 19.05 -21.97 3.70
N ASN A 235 18.24 -21.60 4.68
CA ASN A 235 18.74 -20.87 5.88
C ASN A 235 19.59 -19.60 5.57
N LEU A 236 19.28 -18.98 4.44
CA LEU A 236 19.86 -17.69 4.05
C LEU A 236 18.82 -16.61 4.31
N SER A 237 19.31 -15.42 4.59
CA SER A 237 18.48 -14.23 4.74
C SER A 237 19.09 -13.13 3.91
N LEU A 238 18.31 -12.12 3.58
CA LEU A 238 18.81 -10.93 2.89
C LEU A 238 18.66 -9.79 3.85
N VAL A 239 19.78 -9.17 4.18
CA VAL A 239 19.75 -8.08 5.13
C VAL A 239 19.92 -6.81 4.38
N ILE A 240 18.95 -5.91 4.50
CA ILE A 240 18.97 -4.63 3.81
C ILE A 240 19.16 -3.46 4.75
N LEU A 241 20.10 -2.59 4.38
CA LEU A 241 20.41 -1.37 5.12
C LEU A 241 20.15 -0.16 4.24
N VAL A 242 19.04 0.52 4.52
CA VAL A 242 18.70 1.76 3.84
C VAL A 242 18.84 2.87 4.84
N PRO A 243 19.38 4.05 4.43
CA PRO A 243 19.35 5.20 5.35
C PRO A 243 17.90 5.62 5.60
N GLN A 244 17.60 6.09 6.80
CA GLN A 244 16.20 6.35 7.19
C GLN A 244 15.56 7.43 6.34
N ASN A 245 16.05 8.66 6.49
CA ASN A 245 15.57 9.81 5.72
C ASN A 245 16.33 9.84 4.42
N LEU A 246 15.75 10.49 3.44
CA LEU A 246 16.46 10.84 2.21
C LEU A 246 17.63 11.82 2.44
N LYS A 247 17.54 12.57 3.53
CA LYS A 247 18.60 13.54 3.93
C LYS A 247 19.98 12.94 4.19
N HIS A 248 20.03 11.66 4.55
CA HIS A 248 21.28 10.90 4.64
C HIS A 248 21.57 10.21 3.32
N ARG A 249 22.83 10.29 2.87
CA ARG A 249 23.30 9.60 1.64
C ARG A 249 23.91 8.23 2.00
N LEU A 250 24.07 7.40 0.98
CA LEU A 250 24.58 6.05 1.18
C LEU A 250 26.05 6.08 1.54
N GLU A 251 26.83 6.83 0.77
CA GLU A 251 28.29 6.99 0.96
C GLU A 251 28.71 7.16 2.41
N ASP A 252 27.98 8.02 3.11
CA ASP A 252 28.27 8.35 4.52
C ASP A 252 27.84 7.24 5.47
N MET A 253 26.85 6.46 5.05
CA MET A 253 26.48 5.22 5.76
C MET A 253 27.58 4.18 5.61
N GLU A 254 28.12 4.02 4.41
CA GLU A 254 29.21 3.05 4.15
C GLU A 254 30.37 3.35 5.09
N GLN A 255 30.84 4.60 5.05
CA GLN A 255 31.96 5.06 5.90
C GLN A 255 31.72 5.02 7.41
N ALA A 256 30.48 4.86 7.83
CA ALA A 256 30.15 4.68 9.25
C ALA A 256 29.97 3.22 9.66
N LEU A 257 30.07 2.31 8.69
CA LEU A 257 29.77 0.90 8.90
C LEU A 257 31.02 0.13 9.32
N SER A 258 31.33 0.18 10.61
CA SER A 258 32.48 -0.55 11.16
C SER A 258 32.18 -2.05 11.25
N PRO A 259 33.20 -2.89 11.52
CA PRO A 259 32.96 -4.33 11.74
C PRO A 259 32.22 -4.59 13.04
N SER A 260 32.64 -3.85 14.06
CA SER A 260 31.98 -3.77 15.35
C SER A 260 30.50 -3.40 15.20
N VAL A 261 30.24 -2.28 14.49
CA VAL A 261 28.87 -1.84 14.13
C VAL A 261 28.06 -3.03 13.57
N PHE A 262 28.60 -3.57 12.48
CA PHE A 262 28.02 -4.67 11.68
C PHE A 262 27.68 -5.95 12.49
N LYS A 263 28.63 -6.36 13.31
CA LYS A 263 28.46 -7.59 14.11
C LYS A 263 27.32 -7.45 15.11
N ALA A 264 27.23 -6.27 15.70
CA ALA A 264 26.11 -5.91 16.57
C ALA A 264 24.80 -5.91 15.80
N ILE A 265 24.82 -5.34 14.59
CA ILE A 265 23.65 -5.35 13.70
C ILE A 265 23.07 -6.78 13.59
N MET A 266 23.94 -7.78 13.50
CA MET A 266 23.49 -9.17 13.33
C MET A 266 23.08 -9.87 14.61
N GLU A 267 23.83 -9.63 15.69
CA GLU A 267 23.45 -10.09 17.03
C GLU A 267 22.05 -9.60 17.36
N LYS A 268 21.82 -8.31 17.08
CA LYS A 268 20.49 -7.67 17.20
C LYS A 268 19.45 -8.46 16.40
N LEU A 269 19.73 -8.64 15.12
CA LEU A 269 18.84 -9.32 14.15
C LEU A 269 18.47 -10.75 14.56
N GLU A 270 19.43 -11.47 15.12
CA GLU A 270 19.19 -12.80 15.66
C GLU A 270 18.08 -12.82 16.74
N MET A 271 18.07 -11.78 17.59
CA MET A 271 17.01 -11.58 18.60
C MET A 271 15.72 -11.04 17.98
N SER A 272 15.88 -10.10 17.05
CA SER A 272 14.76 -9.51 16.27
C SER A 272 13.88 -10.58 15.63
N LYS A 273 12.57 -10.35 15.65
CA LYS A 273 11.57 -11.33 15.20
C LYS A 273 11.01 -10.97 13.82
N PHE A 274 10.86 -11.99 12.96
CA PHE A 274 10.11 -11.85 11.70
C PHE A 274 8.62 -11.60 11.99
N GLN A 275 8.09 -10.50 11.49
CA GLN A 275 6.67 -10.14 11.66
C GLN A 275 6.04 -9.67 10.35
N PRO A 276 4.77 -10.05 10.09
CA PRO A 276 4.04 -9.50 8.95
C PRO A 276 4.12 -7.97 8.90
N THR A 277 4.31 -7.47 7.70
CA THR A 277 4.87 -6.14 7.49
C THR A 277 4.60 -5.67 6.05
N LEU A 278 4.35 -4.38 5.91
CA LEU A 278 4.09 -3.78 4.60
C LEU A 278 5.42 -3.62 3.94
N LEU A 279 5.55 -4.16 2.73
CA LEU A 279 6.84 -4.24 2.06
C LEU A 279 6.79 -3.76 0.62
N THR A 280 7.71 -2.83 0.32
CA THR A 280 8.17 -2.56 -1.04
C THR A 280 9.68 -2.60 -1.09
N LEU A 281 10.19 -3.33 -2.06
CA LEU A 281 11.58 -3.20 -2.50
C LEU A 281 11.68 -3.41 -4.01
N PRO A 282 12.82 -3.04 -4.61
CA PRO A 282 12.94 -3.29 -6.04
C PRO A 282 13.27 -4.72 -6.39
N ARG A 283 13.17 -5.03 -7.66
CA ARG A 283 13.81 -6.22 -8.19
C ARG A 283 15.32 -6.01 -8.11
N ILE A 284 15.96 -6.90 -7.37
CA ILE A 284 17.41 -6.92 -7.26
C ILE A 284 17.95 -7.77 -8.41
N LYS A 285 18.80 -7.17 -9.22
CA LYS A 285 19.36 -7.84 -10.38
C LYS A 285 20.75 -7.26 -10.68
N VAL A 286 21.76 -7.84 -10.03
CA VAL A 286 23.13 -7.33 -9.99
C VAL A 286 24.16 -8.39 -10.38
N THR A 287 25.00 -8.02 -11.35
CA THR A 287 26.09 -8.86 -11.88
C THR A 287 27.38 -8.03 -11.90
N THR A 288 28.42 -8.54 -11.24
CA THR A 288 29.64 -7.76 -11.04
C THR A 288 30.87 -8.60 -11.25
N SER A 289 31.60 -8.36 -12.34
CA SER A 289 32.94 -8.97 -12.56
C SER A 289 34.11 -8.03 -12.20
N GLN A 290 35.14 -8.59 -11.61
CA GLN A 290 36.16 -7.80 -10.99
C GLN A 290 37.56 -8.44 -10.96
N ASP A 291 38.52 -7.68 -11.52
CA ASP A 291 39.98 -7.97 -11.45
C ASP A 291 40.47 -7.79 -10.01
N MET A 292 40.60 -8.90 -9.32
CA MET A 292 40.81 -8.90 -7.88
C MET A 292 42.21 -8.55 -7.48
N LEU A 293 43.12 -8.50 -8.44
CA LEU A 293 44.51 -8.11 -8.16
C LEU A 293 44.46 -6.67 -7.69
N SER A 294 43.79 -5.86 -8.50
CA SER A 294 43.47 -4.46 -8.17
C SER A 294 42.97 -4.32 -6.71
N ILE A 295 42.09 -5.22 -6.33
CA ILE A 295 41.52 -5.28 -4.98
C ILE A 295 42.55 -5.68 -3.92
N MET A 296 43.26 -6.75 -4.20
CA MET A 296 44.28 -7.29 -3.29
C MET A 296 45.29 -6.19 -3.00
N GLU A 297 45.70 -5.51 -4.06
CA GLU A 297 46.59 -4.34 -3.95
C GLU A 297 45.94 -3.24 -3.12
N LYS A 298 44.70 -2.91 -3.46
CA LYS A 298 43.93 -1.94 -2.69
C LYS A 298 43.80 -2.29 -1.20
N LEU A 299 43.85 -3.58 -0.88
CA LEU A 299 43.91 -4.04 0.52
C LEU A 299 45.32 -4.08 1.10
N GLU A 300 46.31 -3.71 0.30
CA GLU A 300 47.74 -3.73 0.68
C GLU A 300 48.23 -5.16 0.85
N PHE A 301 48.08 -5.90 -0.25
CA PHE A 301 48.59 -7.26 -0.39
C PHE A 301 49.15 -7.28 -1.80
N PHE A 302 50.48 -7.33 -1.91
CA PHE A 302 51.13 -7.21 -3.23
C PHE A 302 51.83 -8.48 -3.70
N ASP A 303 51.70 -9.50 -2.89
CA ASP A 303 52.40 -10.73 -3.09
C ASP A 303 52.05 -11.37 -4.40
N PHE A 304 50.83 -11.20 -4.87
CA PHE A 304 50.46 -11.91 -6.10
C PHE A 304 51.22 -11.45 -7.36
N SER A 305 51.96 -10.35 -7.25
CA SER A 305 52.87 -9.93 -8.32
C SER A 305 54.38 -9.91 -8.00
N TYR A 306 54.73 -9.95 -6.72
CA TYR A 306 56.14 -10.01 -6.35
C TYR A 306 56.35 -10.54 -4.92
N ASP A 307 57.47 -11.24 -4.73
CA ASP A 307 57.81 -11.88 -3.43
C ASP A 307 56.74 -12.94 -3.06
N LEU A 308 56.25 -13.62 -4.10
CA LEU A 308 55.21 -14.64 -3.96
C LEU A 308 55.79 -16.00 -3.65
N ASN A 309 55.56 -16.44 -2.41
CA ASN A 309 56.07 -17.70 -1.93
C ASN A 309 54.96 -18.72 -1.81
N LEU A 310 54.77 -19.48 -2.89
CA LEU A 310 53.87 -20.65 -2.86
C LEU A 310 54.67 -21.97 -2.91
N CYS A 311 55.52 -22.16 -1.89
CA CYS A 311 56.38 -23.35 -1.77
C CYS A 311 55.50 -24.60 -1.77
N GLY A 312 54.55 -24.62 -0.84
CA GLY A 312 53.50 -25.67 -0.73
C GLY A 312 52.84 -26.07 -2.05
N LEU A 313 52.53 -25.10 -2.92
CA LEU A 313 51.86 -25.37 -4.22
C LEU A 313 52.80 -25.90 -5.27
N THR A 314 53.98 -25.30 -5.33
CA THR A 314 54.97 -25.67 -6.32
C THR A 314 56.37 -25.35 -5.83
N GLU A 315 57.33 -26.07 -6.38
CA GLU A 315 58.75 -25.83 -6.10
C GLU A 315 59.30 -24.68 -6.94
N ASP A 316 58.68 -24.42 -8.11
CA ASP A 316 59.13 -23.38 -9.06
C ASP A 316 59.40 -22.10 -8.30
N PRO A 317 60.61 -21.54 -8.44
CA PRO A 317 61.01 -20.38 -7.62
C PRO A 317 60.60 -18.99 -8.18
N ASP A 318 60.22 -18.93 -9.45
CA ASP A 318 59.93 -17.66 -10.10
C ASP A 318 58.46 -17.60 -10.49
N LEU A 319 57.68 -17.17 -9.50
CA LEU A 319 56.25 -17.42 -9.43
C LEU A 319 55.40 -16.17 -9.22
N GLN A 320 54.44 -15.95 -10.11
CA GLN A 320 53.45 -14.88 -9.90
C GLN A 320 52.05 -15.15 -10.51
N VAL A 321 51.02 -14.80 -9.72
CA VAL A 321 49.60 -14.87 -10.08
C VAL A 321 49.31 -13.89 -11.22
N SER A 322 49.23 -14.43 -12.43
CA SER A 322 49.08 -13.64 -13.65
C SER A 322 47.72 -13.02 -13.81
N ALA A 323 46.72 -13.55 -13.11
CA ALA A 323 45.32 -13.11 -13.28
C ALA A 323 44.47 -13.64 -12.12
N MET A 324 43.47 -12.88 -11.72
CA MET A 324 42.60 -13.29 -10.60
C MET A 324 41.24 -12.61 -10.73
N GLN A 325 40.31 -13.30 -11.37
CA GLN A 325 39.00 -12.76 -11.69
C GLN A 325 37.98 -13.21 -10.63
N HIS A 326 37.02 -12.33 -10.35
CA HIS A 326 35.85 -12.70 -9.54
C HIS A 326 34.57 -12.31 -10.27
N GLN A 327 33.50 -13.05 -10.11
CA GLN A 327 32.26 -12.67 -10.72
C GLN A 327 31.09 -13.19 -9.97
N THR A 328 30.20 -12.27 -9.63
CA THR A 328 28.99 -12.57 -8.89
C THR A 328 27.85 -12.26 -9.83
N VAL A 329 26.88 -13.17 -9.88
CA VAL A 329 25.55 -12.90 -10.43
C VAL A 329 24.54 -13.05 -9.29
N LEU A 330 23.53 -12.19 -9.29
CA LEU A 330 22.58 -12.15 -8.19
C LEU A 330 21.22 -11.63 -8.66
N GLU A 331 20.26 -12.53 -8.86
CA GLU A 331 18.85 -12.15 -9.09
C GLU A 331 17.98 -12.56 -7.92
N LEU A 332 17.24 -11.58 -7.42
CA LEU A 332 16.15 -11.82 -6.49
C LEU A 332 14.95 -11.10 -7.07
N THR A 333 14.07 -11.87 -7.69
CA THR A 333 12.84 -11.35 -8.27
C THR A 333 11.74 -11.87 -7.35
N GLU A 334 10.55 -12.07 -7.91
CA GLU A 334 9.34 -12.36 -7.13
C GLU A 334 9.28 -13.83 -6.68
N THR A 335 9.65 -14.72 -7.58
CA THR A 335 9.63 -16.17 -7.33
C THR A 335 10.12 -16.56 -5.94
N GLY A 336 9.30 -17.32 -5.24
CA GLY A 336 9.60 -17.79 -3.89
C GLY A 336 9.36 -19.30 -3.85
N VAL A 337 9.59 -19.91 -2.70
CA VAL A 337 9.27 -21.34 -2.49
C VAL A 337 7.75 -21.48 -2.23
N GLU A 338 7.32 -20.86 -1.15
CA GLU A 338 5.96 -20.90 -0.62
C GLU A 338 5.16 -19.71 -1.13
N ALA A 339 3.94 -19.94 -1.61
CA ALA A 339 3.01 -18.84 -1.91
C ALA A 339 2.51 -18.21 -0.60
N ALA A 340 2.19 -16.91 -0.66
CA ALA A 340 1.97 -16.08 0.54
C ALA A 340 0.73 -16.49 1.35
N ALA A 341 0.84 -16.38 2.68
CA ALA A 341 -0.19 -16.83 3.64
C ALA A 341 -1.35 -15.82 3.91
N ALA A 342 -2.57 -16.35 3.98
CA ALA A 342 -3.83 -15.56 4.16
C ALA A 342 -4.14 -14.53 3.03
N SER A 343 -3.62 -14.82 1.83
CA SER A 343 -3.75 -13.98 0.62
C SER A 343 -3.31 -12.51 0.73
N ALA A 344 -2.83 -12.10 1.91
CA ALA A 344 -2.54 -10.69 2.24
C ALA A 344 -3.63 -9.71 1.75
N ILE A 345 -4.88 -10.12 1.95
CA ILE A 345 -6.04 -9.38 1.41
C ILE A 345 -6.10 -7.97 2.00
N SER A 346 -6.05 -7.92 3.33
CA SER A 346 -5.90 -6.69 4.13
C SER A 346 -4.53 -6.79 4.86
N VAL A 347 -4.30 -5.99 5.90
CA VAL A 347 -3.01 -6.00 6.68
C VAL A 347 -3.07 -6.41 8.18
N ALA A 348 -3.14 -7.72 8.43
CA ALA A 348 -3.57 -8.26 9.73
C ALA A 348 -2.63 -7.93 10.90
N ARG A 349 -3.24 -7.58 12.04
CA ARG A 349 -2.60 -7.38 13.38
C ARG A 349 -2.09 -5.96 13.70
N THR A 350 -1.03 -5.55 13.02
CA THR A 350 -0.49 -4.16 13.10
C THR A 350 -0.13 -3.61 11.70
N LEU A 351 0.03 -2.28 11.61
CA LEU A 351 0.78 -1.71 10.50
C LEU A 351 2.24 -1.57 10.88
N LEU A 352 3.05 -2.51 10.41
CA LEU A 352 4.52 -2.36 10.39
C LEU A 352 4.99 -2.18 8.94
N VAL A 353 5.97 -1.31 8.75
CA VAL A 353 6.44 -0.99 7.40
C VAL A 353 7.95 -1.14 7.23
N PHE A 354 8.33 -1.48 6.01
CA PHE A 354 9.72 -1.42 5.56
C PHE A 354 9.67 -1.21 4.04
N GLU A 355 9.89 0.02 3.61
CA GLU A 355 9.86 0.34 2.17
C GLU A 355 11.29 0.69 1.74
N VAL A 356 11.67 0.22 0.55
CA VAL A 356 13.06 0.37 0.06
C VAL A 356 12.98 1.23 -1.19
N GLN A 357 13.20 2.53 -1.01
CA GLN A 357 12.91 3.54 -2.07
C GLN A 357 14.04 4.48 -2.43
N GLN A 358 15.19 4.23 -1.85
CA GLN A 358 16.39 4.99 -2.10
C GLN A 358 17.55 3.99 -2.14
N PRO A 359 18.73 4.39 -2.64
CA PRO A 359 19.84 3.46 -2.71
C PRO A 359 20.22 2.85 -1.38
N PHE A 360 20.58 1.56 -1.43
CA PHE A 360 20.77 0.76 -0.23
C PHE A 360 21.87 -0.28 -0.35
N LEU A 361 22.27 -0.73 0.82
CA LEU A 361 23.34 -1.67 1.00
C LEU A 361 22.73 -2.98 1.47
N PHE A 362 23.26 -4.11 0.99
CA PHE A 362 22.73 -5.45 1.36
C PHE A 362 23.77 -6.51 1.66
N MET A 363 23.50 -7.35 2.65
CA MET A 363 24.07 -8.72 2.77
C MET A 363 23.12 -9.74 2.29
N LEU A 364 23.70 -10.86 1.94
CA LEU A 364 23.00 -12.12 1.82
C LEU A 364 23.70 -13.05 2.79
N TRP A 365 23.09 -13.26 3.94
CA TRP A 365 23.76 -13.74 5.14
C TRP A 365 23.39 -15.17 5.43
N ASP A 366 24.37 -16.02 5.75
CA ASP A 366 24.11 -17.40 6.20
C ASP A 366 23.75 -17.32 7.67
N GLN A 367 22.56 -17.81 7.99
CA GLN A 367 21.99 -17.74 9.36
C GLN A 367 22.53 -18.84 10.21
N GLN A 368 22.69 -20.00 9.59
CA GLN A 368 23.24 -21.17 10.25
C GLN A 368 24.65 -20.93 10.78
N HIS A 369 25.51 -20.47 9.89
CA HIS A 369 26.94 -20.33 10.18
C HIS A 369 27.42 -18.90 10.48
N LYS A 370 26.54 -17.92 10.29
CA LYS A 370 26.75 -16.54 10.74
C LYS A 370 27.91 -15.82 10.04
N PHE A 371 27.77 -15.71 8.72
CA PHE A 371 28.74 -15.02 7.88
C PHE A 371 28.12 -14.57 6.56
N PRO A 372 28.74 -13.60 5.89
CA PRO A 372 28.16 -13.08 4.67
C PRO A 372 28.58 -13.79 3.40
N VAL A 373 27.58 -14.30 2.70
CA VAL A 373 27.76 -15.04 1.47
C VAL A 373 27.93 -14.05 0.35
N PHE A 374 27.01 -13.10 0.28
CA PHE A 374 27.16 -11.97 -0.62
C PHE A 374 27.13 -10.66 0.13
N MET A 375 27.62 -9.64 -0.55
CA MET A 375 27.54 -8.27 -0.10
C MET A 375 27.54 -7.36 -1.31
N GLY A 376 26.92 -6.21 -1.15
CA GLY A 376 26.83 -5.26 -2.24
C GLY A 376 25.96 -4.07 -1.89
N ARG A 377 25.51 -3.39 -2.93
CA ARG A 377 24.62 -2.25 -2.78
C ARG A 377 23.94 -1.95 -4.12
N VAL A 378 22.82 -1.23 -4.06
CA VAL A 378 22.06 -0.87 -5.26
C VAL A 378 21.79 0.61 -5.24
N TYR A 379 22.25 1.29 -6.29
CA TYR A 379 21.95 2.71 -6.54
C TYR A 379 20.85 2.87 -7.59
N ASP A 380 20.83 1.99 -8.60
CA ASP A 380 19.91 2.14 -9.78
C ASP A 380 19.49 0.84 -10.49
N PRO A 381 18.33 0.25 -10.10
CA PRO A 381 17.67 -0.81 -10.90
C PRO A 381 17.09 -0.31 -12.26
N GLU B 17 -33.86 32.65 22.09
CA GLU B 17 -34.92 32.55 21.02
C GLU B 17 -34.72 31.26 20.15
N SER B 18 -33.99 31.38 19.03
CA SER B 18 -33.64 30.26 18.18
C SER B 18 -32.32 29.65 18.70
N HIS B 19 -31.40 29.28 17.82
CA HIS B 19 -30.08 28.72 18.19
C HIS B 19 -30.19 27.40 18.91
N SER B 20 -30.94 27.42 20.02
CA SER B 20 -31.66 26.25 20.56
C SER B 20 -31.87 25.17 19.55
N THR B 21 -32.37 25.58 18.39
CA THR B 21 -33.03 24.69 17.49
C THR B 21 -32.09 24.04 16.47
N GLU B 22 -30.88 24.57 16.30
CA GLU B 22 -29.83 23.87 15.51
C GLU B 22 -29.52 22.51 16.12
N ALA B 23 -29.36 22.51 17.44
CA ALA B 23 -29.12 21.27 18.22
C ALA B 23 -30.30 20.29 18.10
N VAL B 24 -31.47 20.79 18.46
CA VAL B 24 -32.70 20.01 18.49
C VAL B 24 -33.05 19.46 17.10
N LEU B 25 -32.95 20.31 16.10
CA LEU B 25 -33.12 19.84 14.71
C LEU B 25 -32.07 18.80 14.32
N GLY B 26 -30.83 19.07 14.71
CA GLY B 26 -29.71 18.16 14.46
C GLY B 26 -30.10 16.76 14.87
N ASP B 27 -30.43 16.60 16.16
CA ASP B 27 -30.86 15.31 16.76
C ASP B 27 -31.94 14.65 15.97
N ALA B 28 -32.98 15.43 15.69
CA ALA B 28 -34.16 14.92 14.99
C ALA B 28 -33.85 14.41 13.60
N LEU B 29 -32.87 15.03 12.97
CA LEU B 29 -32.41 14.64 11.63
C LEU B 29 -31.65 13.31 11.63
N VAL B 30 -30.88 13.09 12.67
CA VAL B 30 -30.20 11.82 12.85
C VAL B 30 -31.26 10.72 12.96
N ASP B 31 -32.21 10.91 13.87
CA ASP B 31 -33.28 9.93 14.15
C ASP B 31 -34.08 9.62 12.90
N PHE B 32 -34.46 10.68 12.21
CA PHE B 32 -35.16 10.57 10.92
C PHE B 32 -34.34 9.78 9.88
N SER B 33 -33.03 10.05 9.83
CA SER B 33 -32.16 9.46 8.79
C SER B 33 -32.15 7.94 8.89
N LEU B 34 -32.06 7.45 10.13
CA LEU B 34 -32.08 6.00 10.37
C LEU B 34 -33.41 5.43 9.96
N LYS B 35 -34.49 6.11 10.36
CA LYS B 35 -35.86 5.66 10.02
C LYS B 35 -35.98 5.44 8.54
N LEU B 36 -35.48 6.42 7.78
CA LEU B 36 -35.43 6.34 6.32
C LEU B 36 -34.52 5.23 5.89
N TYR B 37 -33.34 5.15 6.51
CA TYR B 37 -32.36 4.13 6.17
C TYR B 37 -33.04 2.77 6.10
N HIS B 38 -33.68 2.39 7.18
CA HIS B 38 -34.30 1.08 7.33
C HIS B 38 -35.47 0.89 6.38
N ALA B 39 -36.31 1.91 6.30
CA ALA B 39 -37.42 1.91 5.35
C ALA B 39 -36.96 1.77 3.89
N PHE B 40 -35.89 2.46 3.55
CA PHE B 40 -35.27 2.34 2.23
C PHE B 40 -34.70 0.95 2.04
N SER B 41 -33.99 0.49 3.08
CA SER B 41 -33.41 -0.86 3.13
C SER B 41 -34.47 -1.88 2.75
N ALA B 42 -35.61 -1.72 3.40
CA ALA B 42 -36.78 -2.58 3.22
C ALA B 42 -37.38 -2.56 1.82
N MET B 43 -37.64 -1.38 1.27
CA MET B 43 -38.24 -1.28 -0.09
C MET B 43 -37.31 -1.79 -1.19
N LYS B 44 -36.02 -1.71 -0.94
CA LYS B 44 -35.00 -2.16 -1.88
C LYS B 44 -34.72 -3.63 -1.66
N LYS B 45 -34.15 -4.24 -2.68
CA LYS B 45 -33.69 -5.62 -2.60
C LYS B 45 -32.55 -5.77 -1.59
N VAL B 46 -31.97 -6.96 -1.50
CA VAL B 46 -31.31 -7.38 -0.25
C VAL B 46 -29.79 -7.04 -0.19
N GLU B 47 -29.13 -7.08 -1.35
CA GLU B 47 -27.69 -6.73 -1.43
C GLU B 47 -27.49 -5.65 -2.48
N THR B 48 -28.21 -4.54 -2.28
CA THR B 48 -28.25 -3.39 -3.22
C THR B 48 -27.57 -2.10 -2.70
N ASN B 49 -26.89 -1.42 -3.61
CA ASN B 49 -26.38 -0.08 -3.34
C ASN B 49 -27.56 0.84 -3.09
N MET B 50 -27.43 1.71 -2.10
CA MET B 50 -28.39 2.82 -2.00
C MET B 50 -27.78 4.11 -1.45
N ALA B 51 -28.50 5.18 -1.73
CA ALA B 51 -28.09 6.51 -1.35
C ALA B 51 -29.35 7.37 -1.36
N PHE B 52 -29.50 8.14 -0.31
CA PHE B 52 -30.66 9.03 -0.20
C PHE B 52 -30.28 10.19 0.72
N SER B 53 -31.09 11.23 0.73
CA SER B 53 -30.74 12.46 1.46
C SER B 53 -31.77 12.74 2.55
N PRO B 54 -31.44 12.44 3.81
CA PRO B 54 -32.33 12.75 4.94
C PRO B 54 -32.66 14.22 5.09
N PHE B 55 -31.68 15.06 4.80
CA PHE B 55 -31.84 16.49 4.92
C PHE B 55 -32.87 17.04 3.94
N SER B 56 -32.68 16.72 2.68
CA SER B 56 -33.51 17.32 1.64
C SER B 56 -34.92 16.75 1.64
N ILE B 57 -35.04 15.46 1.94
CA ILE B 57 -36.36 14.86 2.18
C ILE B 57 -37.02 15.53 3.38
N ALA B 58 -36.30 15.65 4.50
CA ALA B 58 -36.86 16.28 5.73
C ALA B 58 -37.29 17.71 5.48
N SER B 59 -36.50 18.42 4.68
CA SER B 59 -36.84 19.80 4.36
C SER B 59 -38.11 19.85 3.49
N LEU B 60 -38.22 18.97 2.51
CA LEU B 60 -39.41 18.93 1.68
C LEU B 60 -40.62 18.64 2.54
N LEU B 61 -40.52 17.63 3.40
CA LEU B 61 -41.62 17.30 4.34
C LEU B 61 -41.87 18.42 5.30
N THR B 62 -40.83 19.10 5.74
CA THR B 62 -41.00 20.26 6.64
C THR B 62 -41.70 21.45 5.93
N GLN B 63 -41.46 21.60 4.63
CA GLN B 63 -42.21 22.58 3.81
C GLN B 63 -43.70 22.28 3.85
N VAL B 64 -44.04 21.02 3.68
CA VAL B 64 -45.44 20.55 3.71
C VAL B 64 -46.06 20.72 5.10
N LEU B 65 -45.30 20.37 6.13
CA LEU B 65 -45.69 20.57 7.55
C LEU B 65 -46.14 22.00 7.88
N LEU B 66 -45.51 22.96 7.21
CA LEU B 66 -45.84 24.40 7.33
C LEU B 66 -47.32 24.70 7.18
N GLY B 67 -47.94 24.06 6.20
CA GLY B 67 -49.38 24.16 5.95
C GLY B 67 -50.22 22.95 6.29
N ALA B 68 -49.76 22.13 7.22
CA ALA B 68 -50.55 20.99 7.68
C ALA B 68 -51.25 21.43 8.93
N GLY B 69 -52.37 20.75 9.22
CA GLY B 69 -53.17 20.99 10.42
C GLY B 69 -53.67 19.74 11.14
N GLU B 70 -54.06 19.96 12.40
CA GLU B 70 -54.74 18.99 13.28
C GLU B 70 -53.97 17.68 13.40
N ASN B 71 -54.23 16.75 12.47
CA ASN B 71 -53.70 15.38 12.46
C ASN B 71 -52.43 15.21 11.65
N THR B 72 -52.51 15.63 10.39
CA THR B 72 -51.38 15.60 9.49
C THR B 72 -50.19 16.37 10.11
N LYS B 73 -50.46 17.47 10.79
CA LYS B 73 -49.41 18.19 11.49
C LYS B 73 -48.72 17.30 12.56
N THR B 74 -49.50 16.80 13.52
CA THR B 74 -48.94 15.95 14.59
C THR B 74 -48.24 14.67 14.08
N ASN B 75 -48.76 14.09 13.00
CA ASN B 75 -48.20 12.88 12.35
C ASN B 75 -46.88 13.10 11.62
N LEU B 76 -46.78 14.20 10.88
CA LEU B 76 -45.49 14.63 10.30
C LEU B 76 -44.47 14.92 11.39
N GLU B 77 -44.85 15.77 12.35
CA GLU B 77 -43.98 16.09 13.48
C GLU B 77 -43.36 14.82 14.05
N SER B 78 -44.23 13.82 14.24
CA SER B 78 -43.86 12.49 14.74
C SER B 78 -42.78 11.81 13.88
N ILE B 79 -43.07 11.65 12.59
CA ILE B 79 -42.15 11.04 11.61
C ILE B 79 -40.75 11.70 11.58
N LEU B 80 -40.77 13.01 11.40
CA LEU B 80 -39.57 13.88 11.33
C LEU B 80 -38.84 14.04 12.65
N SER B 81 -39.44 13.52 13.72
CA SER B 81 -38.88 13.50 15.07
C SER B 81 -38.80 14.90 15.70
N TYR B 82 -39.59 15.84 15.17
CA TYR B 82 -39.64 17.19 15.74
C TYR B 82 -40.50 17.18 16.98
N PRO B 83 -40.12 17.98 18.00
CA PRO B 83 -41.00 18.16 19.12
C PRO B 83 -42.17 19.09 18.76
N LYS B 84 -43.05 19.30 19.73
CA LYS B 84 -44.24 20.12 19.54
C LYS B 84 -43.88 21.60 19.40
N ASP B 85 -44.58 22.27 18.49
CA ASP B 85 -44.46 23.72 18.34
C ASP B 85 -43.02 24.10 18.06
N PHE B 86 -42.49 23.40 17.07
CA PHE B 86 -41.13 23.57 16.62
C PHE B 86 -41.21 24.49 15.41
N THR B 87 -41.53 25.74 15.70
CA THR B 87 -41.87 26.75 14.70
C THR B 87 -40.60 27.31 14.06
N CYS B 88 -39.55 27.45 14.87
CA CYS B 88 -38.24 27.89 14.40
C CYS B 88 -37.68 27.08 13.23
N VAL B 89 -37.93 25.77 13.25
CA VAL B 89 -37.45 24.81 12.23
C VAL B 89 -37.29 25.32 10.79
N HIS B 90 -38.22 26.13 10.32
CA HIS B 90 -38.23 26.51 8.90
C HIS B 90 -37.06 27.45 8.56
N GLN B 91 -36.80 28.40 9.46
CA GLN B 91 -35.53 29.17 9.46
C GLN B 91 -34.35 28.23 9.54
N ALA B 92 -34.28 27.48 10.65
CA ALA B 92 -33.13 26.60 10.94
C ALA B 92 -32.72 25.79 9.73
N LEU B 93 -33.72 25.15 9.12
CA LEU B 93 -33.51 24.34 7.91
C LEU B 93 -32.93 25.13 6.76
N LYS B 94 -33.43 26.33 6.51
CA LYS B 94 -32.82 27.14 5.46
C LYS B 94 -31.36 27.48 5.81
N GLY B 95 -31.11 27.73 7.09
CA GLY B 95 -29.77 28.04 7.63
C GLY B 95 -28.78 26.91 7.45
N PHE B 96 -29.29 25.70 7.54
CA PHE B 96 -28.49 24.48 7.40
C PHE B 96 -27.97 24.25 5.98
N THR B 97 -28.75 24.67 4.99
CA THR B 97 -28.47 24.39 3.55
C THR B 97 -26.98 24.48 3.22
N THR B 98 -26.41 23.39 2.68
CA THR B 98 -25.00 23.36 2.26
C THR B 98 -24.89 23.68 0.77
N LYS B 99 -23.82 24.38 0.42
CA LYS B 99 -23.48 24.72 -0.97
C LYS B 99 -22.77 23.54 -1.62
N GLY B 100 -22.47 22.52 -0.82
CA GLY B 100 -21.87 21.27 -1.28
C GLY B 100 -22.82 20.28 -1.93
N VAL B 101 -24.09 20.66 -1.99
CA VAL B 101 -25.08 19.97 -2.79
C VAL B 101 -25.87 20.92 -3.65
N THR B 102 -26.49 20.33 -4.65
CA THR B 102 -27.48 21.03 -5.43
C THR B 102 -28.83 20.34 -5.17
N SER B 103 -29.68 21.01 -4.39
CA SER B 103 -30.93 20.41 -3.87
C SER B 103 -32.14 21.18 -4.36
N VAL B 104 -32.92 20.50 -5.17
CA VAL B 104 -34.14 21.03 -5.77
C VAL B 104 -35.32 20.37 -5.07
N SER B 105 -36.37 21.13 -4.79
CA SER B 105 -37.53 20.54 -4.14
C SER B 105 -38.80 21.38 -4.24
N GLN B 106 -39.59 21.14 -5.29
CA GLN B 106 -40.87 21.84 -5.49
C GLN B 106 -42.12 21.03 -5.13
N ILE B 107 -43.10 21.70 -4.54
CA ILE B 107 -44.48 21.23 -4.51
C ILE B 107 -45.13 21.70 -5.78
N PHE B 108 -45.47 20.82 -6.69
CA PHE B 108 -46.36 21.21 -7.77
C PHE B 108 -47.81 20.99 -7.33
N HIS B 109 -48.73 21.50 -8.16
CA HIS B 109 -50.19 21.40 -7.98
C HIS B 109 -50.93 21.75 -9.26
N SER B 110 -52.10 21.13 -9.42
CA SER B 110 -52.93 21.32 -10.63
C SER B 110 -53.69 22.66 -10.58
N PRO B 111 -54.10 23.16 -11.76
CA PRO B 111 -54.87 24.39 -11.80
C PRO B 111 -56.13 24.36 -10.94
N ASP B 112 -56.91 23.28 -11.04
CA ASP B 112 -58.14 23.13 -10.25
C ASP B 112 -57.90 23.31 -8.73
N LEU B 113 -56.68 23.06 -8.27
CA LEU B 113 -56.34 23.30 -6.88
C LEU B 113 -55.83 24.71 -6.69
N ALA B 114 -56.34 25.33 -5.63
CA ALA B 114 -56.08 26.73 -5.28
C ALA B 114 -55.27 26.81 -4.00
N ILE B 115 -54.08 27.41 -4.10
CA ILE B 115 -53.13 27.50 -2.98
C ILE B 115 -53.36 28.80 -2.22
N ARG B 116 -53.42 28.71 -0.90
CA ARG B 116 -53.60 29.90 -0.05
C ARG B 116 -52.45 30.89 -0.13
N ASP B 117 -52.82 32.17 -0.12
CA ASP B 117 -51.86 33.29 -0.14
C ASP B 117 -50.91 33.22 1.04
N THR B 118 -51.49 33.15 2.24
CA THR B 118 -50.71 33.13 3.50
C THR B 118 -49.67 32.03 3.56
N PHE B 119 -49.92 30.93 2.85
CA PHE B 119 -48.91 29.92 2.59
C PHE B 119 -47.85 30.47 1.62
N VAL B 120 -48.25 30.88 0.43
CA VAL B 120 -47.28 31.26 -0.62
C VAL B 120 -46.28 32.33 -0.13
N ASN B 121 -46.73 33.25 0.71
CA ASN B 121 -45.81 34.22 1.37
C ASN B 121 -44.83 33.48 2.27
N ALA B 122 -45.34 32.66 3.19
CA ALA B 122 -44.52 31.89 4.13
C ALA B 122 -43.52 30.94 3.40
N SER B 123 -43.98 30.28 2.34
CA SER B 123 -43.10 29.50 1.45
C SER B 123 -41.97 30.36 0.83
N ARG B 124 -42.32 31.55 0.37
CA ARG B 124 -41.36 32.51 -0.21
C ARG B 124 -40.38 33.07 0.79
N THR B 125 -40.92 33.49 1.93
CA THR B 125 -40.09 33.92 3.07
C THR B 125 -39.05 32.84 3.44
N LEU B 126 -39.53 31.63 3.66
CA LEU B 126 -38.72 30.59 4.33
C LEU B 126 -38.10 29.51 3.43
N TYR B 127 -38.75 29.13 2.36
CA TYR B 127 -38.21 28.07 1.48
C TYR B 127 -37.74 28.63 0.15
N SER B 128 -37.84 29.96 0.06
CA SER B 128 -37.53 30.74 -1.15
C SER B 128 -37.81 29.94 -2.43
N SER B 129 -39.09 29.62 -2.51
CA SER B 129 -39.77 29.07 -3.69
C SER B 129 -41.26 29.08 -3.31
N SER B 130 -42.09 28.62 -4.23
CA SER B 130 -43.52 28.48 -3.96
C SER B 130 -44.13 27.48 -4.92
N PRO B 131 -45.20 26.81 -4.49
CA PRO B 131 -45.85 25.85 -5.33
C PRO B 131 -46.02 26.31 -6.75
N ARG B 132 -45.56 25.51 -7.69
CA ARG B 132 -45.74 25.79 -9.12
C ARG B 132 -47.09 25.27 -9.57
N VAL B 133 -47.41 25.48 -10.84
CA VAL B 133 -48.70 25.05 -11.37
C VAL B 133 -48.46 24.19 -12.59
N LEU B 134 -49.26 23.14 -12.65
CA LEU B 134 -49.27 22.22 -13.76
C LEU B 134 -50.08 22.77 -14.93
N SER B 135 -49.58 22.53 -16.14
CA SER B 135 -50.32 22.71 -17.39
C SER B 135 -51.73 22.06 -17.35
N ASN B 136 -52.43 22.06 -18.48
CA ASN B 136 -53.82 21.55 -18.53
C ASN B 136 -53.92 20.04 -18.72
N ASN B 137 -53.21 19.52 -19.73
CA ASN B 137 -53.23 18.07 -20.00
C ASN B 137 -52.11 17.31 -19.25
N SER B 138 -52.47 16.19 -18.61
CA SER B 138 -51.55 15.31 -17.85
C SER B 138 -50.17 15.11 -18.53
N ASP B 139 -50.20 14.85 -19.83
CA ASP B 139 -49.01 14.44 -20.62
C ASP B 139 -48.03 15.58 -20.90
N ALA B 140 -48.55 16.81 -20.89
CA ALA B 140 -47.73 18.01 -20.99
C ALA B 140 -46.86 18.20 -19.74
N ASN B 141 -47.38 17.78 -18.59
CA ASN B 141 -46.70 18.01 -17.30
C ASN B 141 -45.44 17.22 -17.06
N LEU B 142 -45.41 16.00 -17.57
CA LEU B 142 -44.29 15.13 -17.33
C LEU B 142 -43.05 15.79 -17.94
N GLU B 143 -43.13 16.17 -19.22
CA GLU B 143 -42.06 16.95 -19.88
C GLU B 143 -41.72 18.24 -19.16
N LEU B 144 -42.75 18.96 -18.70
CA LEU B 144 -42.55 20.18 -17.90
C LEU B 144 -41.62 19.89 -16.74
N ILE B 145 -42.02 18.95 -15.90
CA ILE B 145 -41.30 18.65 -14.66
C ILE B 145 -39.88 18.09 -14.88
N ASN B 146 -39.71 17.24 -15.87
CA ASN B 146 -38.39 16.63 -16.13
C ASN B 146 -37.41 17.66 -16.70
N THR B 147 -37.91 18.53 -17.57
CA THR B 147 -37.19 19.73 -18.01
C THR B 147 -36.85 20.66 -16.84
N TRP B 148 -37.86 20.97 -16.04
CA TRP B 148 -37.69 21.84 -14.86
C TRP B 148 -36.68 21.31 -13.84
N VAL B 149 -36.63 19.99 -13.68
CA VAL B 149 -35.69 19.33 -12.76
C VAL B 149 -34.32 19.31 -13.38
N ALA B 150 -34.27 18.99 -14.66
CA ALA B 150 -33.01 19.02 -15.44
C ALA B 150 -32.36 20.40 -15.41
N LYS B 151 -33.15 21.44 -15.67
CA LYS B 151 -32.68 22.84 -15.71
C LYS B 151 -32.02 23.23 -14.40
N ASN B 152 -32.72 22.99 -13.30
CA ASN B 152 -32.26 23.42 -11.97
C ASN B 152 -31.38 22.42 -11.24
N THR B 153 -31.05 21.30 -11.88
CA THR B 153 -30.02 20.36 -11.40
C THR B 153 -28.89 20.24 -12.41
N ASN B 154 -28.77 21.25 -13.27
CA ASN B 154 -27.70 21.32 -14.29
C ASN B 154 -27.50 19.95 -14.98
N ASN B 155 -28.64 19.34 -15.34
CA ASN B 155 -28.72 18.04 -16.05
C ASN B 155 -28.16 16.76 -15.38
N LYS B 156 -27.81 16.85 -14.10
CA LYS B 156 -27.38 15.67 -13.34
C LYS B 156 -28.53 14.65 -13.21
N ILE B 157 -29.64 15.12 -12.64
CA ILE B 157 -30.93 14.41 -12.70
C ILE B 157 -31.70 15.02 -13.85
N SER B 158 -31.80 14.30 -14.96
CA SER B 158 -32.65 14.77 -16.06
C SER B 158 -34.07 14.31 -15.75
N ARG B 159 -34.24 13.00 -15.82
CA ARG B 159 -35.53 12.34 -15.80
C ARG B 159 -35.93 11.91 -14.40
N LEU B 160 -36.47 12.84 -13.63
CA LEU B 160 -36.96 12.52 -12.27
C LEU B 160 -38.14 11.55 -12.28
N LEU B 161 -39.03 11.75 -13.25
CA LEU B 161 -40.24 10.91 -13.42
C LEU B 161 -40.33 10.23 -14.78
N ASP B 162 -40.90 9.02 -14.78
CA ASP B 162 -41.31 8.28 -16.01
C ASP B 162 -42.85 8.25 -16.23
N SER B 163 -43.60 8.49 -15.17
CA SER B 163 -45.05 8.61 -15.25
C SER B 163 -45.53 9.61 -14.22
N LEU B 164 -46.72 10.13 -14.47
CA LEU B 164 -47.52 10.85 -13.45
C LEU B 164 -48.87 10.12 -13.39
N PRO B 165 -49.59 10.20 -12.25
CA PRO B 165 -51.01 9.86 -12.36
C PRO B 165 -51.76 10.75 -13.38
N SER B 166 -53.03 10.42 -13.57
CA SER B 166 -53.90 11.14 -14.51
C SER B 166 -54.71 12.18 -13.76
N ASP B 167 -55.21 11.78 -12.58
CA ASP B 167 -55.98 12.67 -11.70
C ASP B 167 -55.11 13.46 -10.71
N THR B 168 -53.87 13.81 -11.10
CA THR B 168 -52.89 14.42 -10.19
C THR B 168 -53.27 15.81 -9.76
N ARG B 169 -53.30 16.00 -8.45
CA ARG B 169 -53.63 17.29 -7.87
C ARG B 169 -52.49 17.93 -7.05
N LEU B 170 -51.59 17.11 -6.52
CA LEU B 170 -50.53 17.56 -5.62
C LEU B 170 -49.30 16.65 -5.71
N VAL B 171 -48.23 17.18 -6.29
CA VAL B 171 -47.00 16.43 -6.51
C VAL B 171 -45.87 17.03 -5.68
N LEU B 172 -45.21 16.22 -4.87
CA LEU B 172 -44.02 16.63 -4.14
C LEU B 172 -42.80 16.04 -4.83
N LEU B 173 -41.74 16.83 -4.99
CA LEU B 173 -40.54 16.36 -5.68
C LEU B 173 -39.29 16.75 -4.91
N ASN B 174 -38.21 15.97 -5.11
CA ASN B 174 -36.90 16.30 -4.53
C ASN B 174 -35.77 15.58 -5.22
N ALA B 175 -35.12 16.29 -6.13
CA ALA B 175 -33.87 15.84 -6.71
C ALA B 175 -32.74 16.49 -5.93
N ILE B 176 -31.61 15.80 -5.87
CA ILE B 176 -30.43 16.28 -5.12
C ILE B 176 -29.20 15.55 -5.61
N TYR B 177 -28.08 16.29 -5.73
CA TYR B 177 -26.78 15.65 -5.94
C TYR B 177 -25.66 16.36 -5.19
N LEU B 178 -24.61 15.58 -4.96
CA LEU B 178 -23.39 16.01 -4.30
C LEU B 178 -22.47 16.65 -5.29
N SER B 179 -22.26 17.94 -5.10
CA SER B 179 -21.30 18.75 -5.86
C SER B 179 -19.95 18.83 -5.15
N ALA B 180 -19.94 18.69 -3.82
CA ALA B 180 -18.71 18.68 -3.04
C ALA B 180 -17.77 17.52 -3.43
N LYS B 181 -16.51 17.71 -3.06
CA LYS B 181 -15.42 16.79 -3.39
C LYS B 181 -14.54 16.60 -2.17
N TRP B 182 -13.61 15.67 -2.33
CA TRP B 182 -12.55 15.44 -1.36
C TRP B 182 -11.72 16.70 -1.15
N LYS B 183 -11.37 16.98 0.10
CA LYS B 183 -10.39 18.03 0.39
C LYS B 183 -9.12 17.68 -0.40
N THR B 184 -8.64 16.46 -0.14
CA THR B 184 -7.38 15.91 -0.68
C THR B 184 -7.56 15.02 -1.91
N THR B 185 -7.01 15.39 -3.06
CA THR B 185 -7.15 14.57 -4.29
C THR B 185 -6.53 13.18 -4.10
N PHE B 186 -7.06 12.22 -4.85
CA PHE B 186 -6.46 10.88 -5.00
C PHE B 186 -5.78 10.86 -6.36
N ASP B 187 -4.60 10.24 -6.42
CA ASP B 187 -3.88 10.11 -7.66
C ASP B 187 -4.63 9.09 -8.52
N PRO B 188 -5.11 9.50 -9.73
CA PRO B 188 -5.76 8.53 -10.63
C PRO B 188 -4.83 7.42 -11.14
N LYS B 189 -3.55 7.76 -11.30
CA LYS B 189 -2.51 6.79 -11.69
C LYS B 189 -2.40 5.65 -10.67
N LYS B 190 -2.70 5.96 -9.41
CA LYS B 190 -2.76 5.00 -8.30
C LYS B 190 -4.18 4.48 -7.99
N THR B 191 -4.82 3.91 -9.00
CA THR B 191 -6.19 3.39 -8.90
C THR B 191 -6.32 2.10 -9.75
N ARG B 192 -5.94 0.97 -9.16
CA ARG B 192 -5.94 -0.35 -9.86
C ARG B 192 -7.25 -1.12 -9.59
N MET B 193 -7.48 -2.16 -10.39
CA MET B 193 -8.54 -3.16 -10.18
C MET B 193 -8.13 -4.13 -9.07
N GLU B 194 -8.49 -3.78 -7.84
CA GLU B 194 -8.13 -4.54 -6.64
C GLU B 194 -9.37 -5.23 -6.09
N PRO B 195 -9.19 -6.14 -5.12
CA PRO B 195 -10.30 -7.01 -4.72
C PRO B 195 -11.26 -6.41 -3.69
N PHE B 196 -12.50 -6.86 -3.79
CA PHE B 196 -13.60 -6.50 -2.89
C PHE B 196 -14.45 -7.76 -2.62
N HIS B 197 -14.94 -7.88 -1.40
CA HIS B 197 -15.66 -9.09 -0.95
C HIS B 197 -17.17 -9.06 -1.13
N PHE B 198 -17.60 -9.31 -2.36
CA PHE B 198 -19.02 -9.28 -2.68
C PHE B 198 -19.62 -10.67 -2.55
N LYS B 199 -20.76 -10.73 -1.86
CA LYS B 199 -21.39 -11.99 -1.44
C LYS B 199 -20.36 -12.79 -0.63
N ASN B 200 -20.10 -14.05 -1.01
CA ASN B 200 -18.94 -14.78 -0.50
C ASN B 200 -17.83 -15.03 -1.52
N SER B 201 -18.06 -14.65 -2.77
CA SER B 201 -16.98 -14.61 -3.77
C SER B 201 -16.05 -13.41 -3.50
N VAL B 202 -15.10 -13.23 -4.41
CA VAL B 202 -14.35 -11.98 -4.48
C VAL B 202 -14.44 -11.45 -5.89
N ILE B 203 -14.64 -10.15 -5.99
CA ILE B 203 -14.73 -9.44 -7.27
C ILE B 203 -13.66 -8.36 -7.33
N LYS B 204 -13.31 -7.95 -8.54
CA LYS B 204 -12.29 -6.95 -8.78
C LYS B 204 -12.92 -5.66 -9.26
N VAL B 205 -12.62 -4.57 -8.55
CA VAL B 205 -13.31 -3.27 -8.71
C VAL B 205 -12.34 -2.10 -8.67
N PRO B 206 -12.61 -1.03 -9.46
CA PRO B 206 -11.77 0.16 -9.36
C PRO B 206 -11.69 0.66 -7.93
N MET B 207 -10.46 0.72 -7.43
CA MET B 207 -10.16 1.08 -6.04
C MET B 207 -9.09 2.15 -5.95
N MET B 208 -9.36 3.15 -5.12
CA MET B 208 -8.52 4.34 -5.06
C MET B 208 -7.55 4.11 -3.93
N ASN B 209 -6.35 4.67 -4.04
CA ASN B 209 -5.31 4.50 -3.00
C ASN B 209 -4.48 5.74 -2.70
N SER B 210 -4.13 5.85 -1.42
CA SER B 210 -3.14 6.81 -1.00
C SER B 210 -2.44 6.22 0.21
N LYS B 211 -1.12 6.18 0.10
CA LYS B 211 -0.22 5.69 1.15
C LYS B 211 -0.26 6.59 2.40
N LYS B 212 -0.52 7.87 2.20
CA LYS B 212 -0.91 8.75 3.31
C LYS B 212 -2.05 9.70 2.92
N TYR B 213 -3.27 9.19 3.11
CA TYR B 213 -4.46 10.03 3.05
C TYR B 213 -4.81 10.49 4.47
N PRO B 214 -5.28 11.75 4.65
CA PRO B 214 -5.70 12.14 6.01
C PRO B 214 -7.04 11.48 6.37
N VAL B 215 -7.07 10.79 7.50
CA VAL B 215 -8.21 9.97 7.93
C VAL B 215 -8.36 9.97 9.47
N ALA B 216 -9.53 10.39 9.96
CA ALA B 216 -9.94 10.17 11.36
C ALA B 216 -10.64 8.83 11.46
N HIS B 217 -10.17 7.94 12.33
CA HIS B 217 -10.78 6.60 12.42
C HIS B 217 -10.63 5.93 13.77
N PHE B 218 -11.42 4.88 13.96
CA PHE B 218 -11.43 4.06 15.20
C PHE B 218 -12.31 2.82 15.05
N ILE B 219 -12.32 2.00 16.09
CA ILE B 219 -13.21 0.84 16.19
C ILE B 219 -14.34 1.08 17.21
N ASP B 220 -15.55 0.68 16.81
CA ASP B 220 -16.73 0.64 17.71
C ASP B 220 -17.06 -0.83 18.01
N GLN B 221 -17.08 -1.15 19.30
CA GLN B 221 -17.37 -2.51 19.74
C GLN B 221 -18.83 -2.93 19.50
N THR B 222 -19.77 -2.03 19.74
CA THR B 222 -21.23 -2.34 19.62
C THR B 222 -21.63 -2.84 18.24
N LEU B 223 -21.16 -2.12 17.23
CA LEU B 223 -21.38 -2.50 15.83
C LEU B 223 -20.47 -3.64 15.43
N LYS B 224 -19.29 -3.66 16.06
CA LYS B 224 -18.15 -4.49 15.67
C LYS B 224 -17.79 -4.07 14.25
N ALA B 225 -17.26 -2.85 14.17
CA ALA B 225 -17.07 -2.16 12.90
C ALA B 225 -15.98 -1.10 12.92
N LYS B 226 -15.41 -0.90 11.74
CA LYS B 226 -14.45 0.17 11.49
C LYS B 226 -15.20 1.42 11.10
N VAL B 227 -14.90 2.52 11.79
CA VAL B 227 -15.49 3.82 11.52
C VAL B 227 -14.40 4.70 10.94
N GLY B 228 -14.62 5.21 9.73
CA GLY B 228 -13.63 6.07 9.05
C GLY B 228 -14.19 7.34 8.43
N GLN B 229 -13.83 8.48 9.01
CA GLN B 229 -14.22 9.81 8.51
C GLN B 229 -13.15 10.31 7.55
N LEU B 230 -13.57 10.89 6.43
CA LEU B 230 -12.66 11.46 5.39
C LEU B 230 -13.12 12.83 4.98
N GLN B 231 -12.22 13.80 5.01
CA GLN B 231 -12.63 15.17 4.80
C GLN B 231 -13.01 15.44 3.35
N LEU B 232 -14.02 16.31 3.21
CA LEU B 232 -14.52 16.80 1.94
C LEU B 232 -14.58 18.29 2.01
N SER B 233 -14.80 18.88 0.85
CA SER B 233 -15.00 20.31 0.75
C SER B 233 -16.29 20.77 1.50
N HIS B 234 -16.42 22.09 1.65
CA HIS B 234 -17.57 22.74 2.30
C HIS B 234 -17.93 22.18 3.69
N ASN B 235 -16.94 21.95 4.55
CA ASN B 235 -17.18 21.43 5.91
C ASN B 235 -18.06 20.15 5.96
N LEU B 236 -17.99 19.34 4.91
CA LEU B 236 -18.61 18.03 4.86
C LEU B 236 -17.53 16.98 5.05
N SER B 237 -17.94 15.85 5.61
CA SER B 237 -17.08 14.70 5.78
C SER B 237 -17.84 13.49 5.29
N LEU B 238 -17.12 12.42 4.97
CA LEU B 238 -17.73 11.16 4.60
C LEU B 238 -17.38 10.19 5.68
N VAL B 239 -18.39 9.66 6.34
CA VAL B 239 -18.16 8.73 7.44
C VAL B 239 -18.48 7.35 6.93
N ILE B 240 -17.49 6.46 7.00
CA ILE B 240 -17.64 5.09 6.53
C ILE B 240 -17.63 4.09 7.67
N LEU B 241 -18.62 3.20 7.65
CA LEU B 241 -18.77 2.11 8.63
C LEU B 241 -18.70 0.77 7.92
N VAL B 242 -17.55 0.14 8.08
CA VAL B 242 -17.34 -1.21 7.55
C VAL B 242 -17.28 -2.13 8.75
N PRO B 243 -17.91 -3.33 8.65
CA PRO B 243 -17.65 -4.32 9.71
C PRO B 243 -16.15 -4.73 9.72
N GLN B 244 -15.61 -4.99 10.91
CA GLN B 244 -14.15 -5.21 11.08
C GLN B 244 -13.69 -6.47 10.34
N ASN B 245 -14.17 -7.63 10.79
CA ASN B 245 -13.89 -8.93 10.13
C ASN B 245 -14.90 -9.15 9.04
N LEU B 246 -14.54 -9.99 8.07
CA LEU B 246 -15.52 -10.46 7.09
C LEU B 246 -16.58 -11.38 7.72
N LYS B 247 -16.27 -11.94 8.89
CA LYS B 247 -17.21 -12.80 9.65
C LYS B 247 -18.52 -12.11 10.07
N HIS B 248 -18.49 -10.79 10.19
CA HIS B 248 -19.71 -9.98 10.38
C HIS B 248 -20.26 -9.52 9.04
N ARG B 249 -21.59 -9.64 8.88
CA ARG B 249 -22.30 -9.16 7.68
C ARG B 249 -22.82 -7.74 7.91
N LEU B 250 -23.17 -7.08 6.81
CA LEU B 250 -23.63 -5.69 6.85
C LEU B 250 -25.02 -5.60 7.48
N GLU B 251 -25.94 -6.43 6.99
CA GLU B 251 -27.32 -6.52 7.51
C GLU B 251 -27.44 -6.47 9.04
N ASP B 252 -26.59 -7.23 9.71
CA ASP B 252 -26.61 -7.32 11.18
C ASP B 252 -25.97 -6.10 11.84
N MET B 253 -25.07 -5.43 11.11
CA MET B 253 -24.57 -4.12 11.52
C MET B 253 -25.67 -3.06 11.43
N GLU B 254 -26.45 -3.09 10.35
CA GLU B 254 -27.58 -2.13 10.15
C GLU B 254 -28.52 -2.24 11.34
N GLN B 255 -28.99 -3.46 11.60
CA GLN B 255 -29.89 -3.73 12.74
C GLN B 255 -29.32 -3.46 14.15
N ALA B 256 -28.02 -3.29 14.28
CA ALA B 256 -27.41 -2.93 15.57
C ALA B 256 -27.14 -1.43 15.70
N LEU B 257 -27.43 -0.69 14.63
CA LEU B 257 -27.10 0.75 14.54
C LEU B 257 -28.25 1.59 15.06
N SER B 258 -28.26 1.76 16.38
CA SER B 258 -29.30 2.55 17.04
C SER B 258 -29.02 4.04 16.80
N PRO B 259 -29.98 4.92 17.14
CA PRO B 259 -29.72 6.36 17.05
C PRO B 259 -28.75 6.82 18.12
N SER B 260 -28.94 6.27 19.32
CA SER B 260 -28.02 6.40 20.47
C SER B 260 -26.59 5.97 20.11
N VAL B 261 -26.46 4.76 19.55
CA VAL B 261 -25.19 4.25 18.97
C VAL B 261 -24.53 5.30 18.06
N PHE B 262 -25.28 5.66 17.02
CA PHE B 262 -24.90 6.61 15.95
C PHE B 262 -24.42 7.98 16.46
N LYS B 263 -25.19 8.55 17.38
CA LYS B 263 -24.89 9.88 17.92
C LYS B 263 -23.56 9.89 18.68
N ALA B 264 -23.34 8.80 19.43
CA ALA B 264 -22.06 8.55 20.11
C ALA B 264 -20.92 8.39 19.11
N ILE B 265 -21.17 7.64 18.04
CA ILE B 265 -20.20 7.50 16.92
C ILE B 265 -19.68 8.87 16.47
N MET B 266 -20.57 9.85 16.39
CA MET B 266 -20.17 11.19 15.91
C MET B 266 -19.51 12.08 16.96
N GLU B 267 -20.03 12.04 18.19
CA GLU B 267 -19.40 12.72 19.33
C GLU B 267 -17.94 12.26 19.44
N LYS B 268 -17.77 10.93 19.35
CA LYS B 268 -16.44 10.30 19.29
C LYS B 268 -15.58 10.91 18.19
N LEU B 269 -16.12 10.87 16.97
CA LEU B 269 -15.43 11.36 15.76
C LEU B 269 -15.00 12.82 15.85
N GLU B 270 -15.84 13.64 16.48
CA GLU B 270 -15.52 15.05 16.71
C GLU B 270 -14.22 15.22 17.51
N MET B 271 -14.01 14.33 18.49
CA MET B 271 -12.77 14.27 19.29
C MET B 271 -11.63 13.58 18.53
N SER B 272 -11.96 12.51 17.84
CA SER B 272 -11.03 11.78 16.96
C SER B 272 -10.30 12.72 15.98
N LYS B 273 -9.01 12.48 15.77
CA LYS B 273 -8.13 13.34 14.97
C LYS B 273 -7.84 12.75 13.58
N PHE B 274 -7.88 13.62 12.56
CA PHE B 274 -7.40 13.26 11.20
C PHE B 274 -5.89 13.04 11.21
N GLN B 275 -5.46 11.86 10.79
CA GLN B 275 -4.04 11.52 10.73
C GLN B 275 -3.69 10.83 9.42
N PRO B 276 -2.49 11.13 8.86
CA PRO B 276 -2.01 10.38 7.70
C PRO B 276 -2.07 8.87 7.92
N THR B 277 -2.51 8.17 6.88
CA THR B 277 -3.09 6.84 6.99
C THR B 277 -3.12 6.14 5.63
N LEU B 278 -2.89 4.83 5.65
CA LEU B 278 -2.89 4.03 4.43
C LEU B 278 -4.33 3.81 4.08
N LEU B 279 -4.71 4.16 2.85
CA LEU B 279 -6.11 4.16 2.45
C LEU B 279 -6.36 3.44 1.14
N THR B 280 -7.31 2.52 1.20
CA THR B 280 -8.03 2.04 0.03
C THR B 280 -9.51 2.11 0.28
N LEU B 281 -10.23 2.69 -0.69
CA LEU B 281 -11.69 2.51 -0.82
C LEU B 281 -12.10 2.49 -2.28
N PRO B 282 -13.33 2.07 -2.57
CA PRO B 282 -13.74 2.07 -3.98
C PRO B 282 -14.15 3.44 -4.48
N ARG B 283 -14.33 3.53 -5.78
CA ARG B 283 -15.06 4.66 -6.36
C ARG B 283 -16.51 4.49 -5.94
N ILE B 284 -17.00 5.51 -5.26
CA ILE B 284 -18.41 5.60 -4.85
C ILE B 284 -19.18 6.26 -6.00
N LYS B 285 -20.18 5.57 -6.50
CA LYS B 285 -20.96 6.07 -7.62
C LYS B 285 -22.38 5.48 -7.54
N VAL B 286 -23.24 6.18 -6.80
CA VAL B 286 -24.58 5.73 -6.40
C VAL B 286 -25.69 6.75 -6.73
N THR B 287 -26.69 6.27 -7.45
CA THR B 287 -27.86 7.05 -7.88
C THR B 287 -29.11 6.27 -7.52
N THR B 288 -30.00 6.89 -6.75
CA THR B 288 -31.15 6.18 -6.22
C THR B 288 -32.42 7.00 -6.30
N SER B 289 -33.35 6.63 -7.20
CA SER B 289 -34.70 7.25 -7.25
C SER B 289 -35.73 6.39 -6.54
N GLN B 290 -36.64 7.06 -5.86
CA GLN B 290 -37.51 6.39 -4.94
C GLN B 290 -38.89 7.06 -4.76
N ASP B 291 -39.93 6.25 -5.00
CA ASP B 291 -41.33 6.60 -4.68
C ASP B 291 -41.52 6.62 -3.16
N MET B 292 -41.53 7.83 -2.63
CA MET B 292 -41.46 8.05 -1.20
C MET B 292 -42.77 7.79 -0.48
N LEU B 293 -43.86 7.64 -1.24
CA LEU B 293 -45.16 7.32 -0.66
C LEU B 293 -45.02 5.95 0.00
N SER B 294 -44.51 5.01 -0.80
CA SER B 294 -44.13 3.68 -0.33
C SER B 294 -43.37 3.74 0.99
N ILE B 295 -42.41 4.66 1.05
CA ILE B 295 -41.59 4.89 2.26
C ILE B 295 -42.38 5.46 3.43
N MET B 296 -43.15 6.51 3.14
CA MET B 296 -43.98 7.17 4.15
C MET B 296 -44.90 6.14 4.78
N GLU B 297 -45.50 5.33 3.92
CA GLU B 297 -46.34 4.22 4.35
C GLU B 297 -45.55 3.22 5.18
N LYS B 298 -44.40 2.82 4.67
CA LYS B 298 -43.49 1.94 5.41
C LYS B 298 -43.12 2.51 6.79
N LEU B 299 -43.09 3.82 6.92
CA LEU B 299 -42.87 4.46 8.22
C LEU B 299 -44.14 4.60 9.05
N GLU B 300 -45.27 4.15 8.51
CA GLU B 300 -46.60 4.23 9.14
C GLU B 300 -47.09 5.70 9.18
N PHE B 301 -47.17 6.26 7.99
CA PHE B 301 -47.70 7.61 7.78
C PHE B 301 -48.50 7.45 6.52
N PHE B 302 -49.82 7.54 6.64
CA PHE B 302 -50.72 7.27 5.51
C PHE B 302 -51.54 8.46 5.05
N ASP B 303 -51.26 9.58 5.68
CA ASP B 303 -51.99 10.79 5.43
C ASP B 303 -51.89 11.24 4.00
N PHE B 304 -50.78 10.99 3.32
CA PHE B 304 -50.65 11.52 1.96
C PHE B 304 -51.65 10.93 0.96
N SER B 305 -52.36 9.86 1.36
CA SER B 305 -53.47 9.31 0.55
C SER B 305 -54.89 9.39 1.15
N TYR B 306 -55.00 9.61 2.46
CA TYR B 306 -56.30 9.73 3.10
C TYR B 306 -56.23 10.44 4.45
N ASP B 307 -57.29 11.17 4.78
CA ASP B 307 -57.37 12.00 6.00
C ASP B 307 -56.26 13.08 5.99
N LEU B 308 -56.00 13.61 4.79
CA LEU B 308 -54.94 14.60 4.58
C LEU B 308 -55.46 15.99 4.80
N ASN B 309 -54.99 16.58 5.90
CA ASN B 309 -55.37 17.92 6.30
C ASN B 309 -54.24 18.91 6.04
N LEU B 310 -54.27 19.51 4.86
CA LEU B 310 -53.41 20.65 4.56
C LEU B 310 -54.20 21.98 4.48
N CYS B 311 -54.83 22.33 5.61
CA CYS B 311 -55.67 23.52 5.71
C CYS B 311 -54.80 24.73 5.36
N GLY B 312 -53.69 24.86 6.07
CA GLY B 312 -52.66 25.89 5.84
C GLY B 312 -52.31 26.10 4.38
N LEU B 313 -52.15 25.01 3.62
CA LEU B 313 -51.73 25.11 2.21
C LEU B 313 -52.86 25.53 1.30
N THR B 314 -54.03 24.96 1.56
CA THR B 314 -55.21 25.20 0.72
C THR B 314 -56.46 24.98 1.50
N GLU B 315 -57.53 25.63 1.03
CA GLU B 315 -58.86 25.46 1.62
C GLU B 315 -59.55 24.20 1.09
N ASP B 316 -59.16 23.77 -0.11
CA ASP B 316 -59.79 22.62 -0.79
C ASP B 316 -59.91 21.45 0.15
N PRO B 317 -61.12 20.87 0.29
CA PRO B 317 -61.36 19.86 1.32
C PRO B 317 -61.12 18.40 0.89
N ASP B 318 -61.02 18.16 -0.42
CA ASP B 318 -60.82 16.79 -0.94
C ASP B 318 -59.42 16.67 -1.56
N LEU B 319 -58.46 16.38 -0.69
CA LEU B 319 -57.03 16.62 -0.93
C LEU B 319 -56.17 15.37 -0.72
N GLN B 320 -55.38 15.01 -1.74
CA GLN B 320 -54.35 13.98 -1.57
C GLN B 320 -53.09 14.12 -2.48
N VAL B 321 -51.93 13.86 -1.85
CA VAL B 321 -50.60 13.85 -2.50
C VAL B 321 -50.53 12.72 -3.50
N SER B 322 -50.68 13.08 -4.76
CA SER B 322 -50.77 12.13 -5.87
C SER B 322 -49.46 11.45 -6.21
N ALA B 323 -48.35 12.05 -5.80
CA ALA B 323 -46.99 11.59 -6.17
C ALA B 323 -45.95 12.26 -5.30
N MET B 324 -44.88 11.54 -4.99
CA MET B 324 -43.80 12.06 -4.14
C MET B 324 -42.50 11.35 -4.43
N GLN B 325 -41.74 11.91 -5.35
CA GLN B 325 -40.50 11.30 -5.81
C GLN B 325 -39.30 11.86 -5.04
N HIS B 326 -38.30 11.02 -4.81
CA HIS B 326 -36.99 11.45 -4.32
C HIS B 326 -35.90 10.95 -5.26
N GLN B 327 -34.82 11.70 -5.42
CA GLN B 327 -33.71 11.17 -6.18
C GLN B 327 -32.41 11.76 -5.74
N THR B 328 -31.47 10.88 -5.44
CA THR B 328 -30.13 11.24 -5.00
C THR B 328 -29.19 10.76 -6.07
N VAL B 329 -28.26 11.62 -6.44
CA VAL B 329 -27.08 11.23 -7.21
C VAL B 329 -25.86 11.51 -6.34
N LEU B 330 -24.86 10.64 -6.43
CA LEU B 330 -23.70 10.74 -5.55
C LEU B 330 -22.45 10.13 -6.19
N GLU B 331 -21.57 10.97 -6.72
CA GLU B 331 -20.23 10.53 -7.18
C GLU B 331 -19.15 11.06 -6.28
N LEU B 332 -18.31 10.15 -5.80
CA LEU B 332 -17.05 10.50 -5.15
C LEU B 332 -16.00 9.66 -5.84
N THR B 333 -15.27 10.31 -6.73
CA THR B 333 -14.18 9.68 -7.46
C THR B 333 -12.91 10.30 -6.89
N GLU B 334 -11.86 10.38 -7.70
CA GLU B 334 -10.51 10.75 -7.24
C GLU B 334 -10.38 12.27 -7.04
N THR B 335 -10.94 13.02 -7.99
CA THR B 335 -10.88 14.49 -7.99
C THR B 335 -11.09 15.08 -6.59
N GLY B 336 -10.14 15.93 -6.19
CA GLY B 336 -10.17 16.63 -4.91
C GLY B 336 -9.93 18.10 -5.16
N VAL B 337 -9.93 18.88 -4.10
CA VAL B 337 -9.60 20.32 -4.20
C VAL B 337 -8.06 20.44 -4.30
N GLU B 338 -7.41 20.02 -3.22
CA GLU B 338 -5.96 20.18 -3.03
C GLU B 338 -5.24 18.87 -3.39
N ALA B 339 -4.16 18.96 -4.16
CA ALA B 339 -3.33 17.79 -4.49
C ALA B 339 -2.61 17.35 -3.21
N ALA B 340 -2.28 16.06 -3.15
CA ALA B 340 -1.77 15.41 -1.92
C ALA B 340 -0.40 15.92 -1.46
N ALA B 341 -0.23 16.04 -0.14
CA ALA B 341 0.97 16.65 0.48
C ALA B 341 2.16 15.68 0.67
N ALA B 342 3.36 16.19 0.41
CA ALA B 342 4.64 15.43 0.46
C ALA B 342 4.73 14.22 -0.53
N SER B 343 3.98 14.32 -1.64
CA SER B 343 3.89 13.27 -2.68
C SER B 343 3.49 11.86 -2.23
N ALA B 344 3.27 11.67 -0.93
CA ALA B 344 3.07 10.33 -0.31
C ALA B 344 4.06 9.27 -0.83
N ILE B 345 5.32 9.69 -0.95
CA ILE B 345 6.35 8.86 -1.57
C ILE B 345 6.53 7.56 -0.79
N SER B 346 6.73 7.71 0.52
CA SER B 346 6.74 6.61 1.50
C SER B 346 5.54 6.85 2.43
N VAL B 347 5.54 6.20 3.59
CA VAL B 347 4.51 6.39 4.61
C VAL B 347 5.24 6.81 5.93
N ALA B 348 6.36 7.54 5.81
CA ALA B 348 7.17 8.01 6.96
C ALA B 348 6.34 8.89 7.90
N ARG B 349 6.52 8.69 9.20
CA ARG B 349 5.83 9.44 10.29
C ARG B 349 4.47 8.86 10.71
N THR B 350 3.79 8.17 9.78
CA THR B 350 2.46 7.54 10.02
C THR B 350 2.61 6.04 10.09
N LEU B 351 1.82 5.37 10.92
CA LEU B 351 1.74 3.90 10.89
C LEU B 351 0.27 3.46 11.14
N LEU B 352 -0.64 3.85 10.23
CA LEU B 352 -2.09 3.58 10.36
C LEU B 352 -2.85 3.18 9.09
N VAL B 353 -3.85 2.32 9.23
CA VAL B 353 -4.60 1.78 8.08
C VAL B 353 -6.12 1.95 8.19
N PHE B 354 -6.74 2.08 7.03
CA PHE B 354 -8.18 1.97 6.87
C PHE B 354 -8.43 1.53 5.43
N GLU B 355 -8.72 0.25 5.24
CA GLU B 355 -9.00 -0.29 3.90
C GLU B 355 -10.48 -0.68 3.84
N VAL B 356 -11.11 -0.39 2.71
CA VAL B 356 -12.56 -0.58 2.54
C VAL B 356 -12.74 -1.63 1.45
N GLN B 357 -12.93 -2.88 1.88
CA GLN B 357 -12.86 -4.04 0.96
C GLN B 357 -14.03 -4.99 0.99
N GLN B 358 -15.04 -4.63 1.75
CA GLN B 358 -16.25 -5.41 1.88
C GLN B 358 -17.40 -4.38 1.93
N PRO B 359 -18.66 -4.84 1.79
CA PRO B 359 -19.76 -3.90 1.74
C PRO B 359 -19.89 -3.08 3.00
N PHE B 360 -20.25 -1.81 2.81
CA PHE B 360 -20.20 -0.83 3.87
C PHE B 360 -21.31 0.19 3.80
N LEU B 361 -21.47 0.84 4.94
CA LEU B 361 -22.49 1.83 5.16
C LEU B 361 -21.80 3.19 5.29
N PHE B 362 -22.43 4.23 4.74
CA PHE B 362 -21.84 5.59 4.79
C PHE B 362 -22.83 6.71 5.09
N MET B 363 -22.36 7.70 5.87
CA MET B 363 -22.91 9.07 5.89
C MET B 363 -22.07 9.99 5.09
N LEU B 364 -22.73 11.05 4.69
CA LEU B 364 -22.08 12.23 4.24
C LEU B 364 -22.59 13.29 5.19
N TRP B 365 -21.76 13.65 6.14
CA TRP B 365 -22.19 14.37 7.35
C TRP B 365 -21.75 15.83 7.32
N ASP B 366 -22.66 16.75 7.66
CA ASP B 366 -22.32 18.18 7.81
C ASP B 366 -21.68 18.31 9.18
N GLN B 367 -20.46 18.83 9.17
CA GLN B 367 -19.63 18.97 10.39
C GLN B 367 -20.00 20.20 11.16
N GLN B 368 -20.29 21.25 10.39
CA GLN B 368 -20.74 22.53 10.96
C GLN B 368 -22.01 22.39 11.79
N HIS B 369 -23.04 21.81 11.19
CA HIS B 369 -24.38 21.72 11.78
C HIS B 369 -24.78 20.36 12.37
N LYS B 370 -23.93 19.36 12.15
CA LYS B 370 -24.02 18.07 12.87
C LYS B 370 -25.31 17.30 12.55
N PHE B 371 -25.43 16.98 11.26
CA PHE B 371 -26.54 16.17 10.77
C PHE B 371 -26.21 15.52 9.44
N PRO B 372 -26.94 14.48 9.07
CA PRO B 372 -26.61 13.73 7.85
C PRO B 372 -27.28 14.25 6.60
N VAL B 373 -26.43 14.62 5.64
CA VAL B 373 -26.83 15.18 4.39
C VAL B 373 -27.21 14.02 3.49
N PHE B 374 -26.32 13.06 3.40
CA PHE B 374 -26.65 11.81 2.73
C PHE B 374 -26.46 10.64 3.65
N MET B 375 -27.07 9.54 3.25
CA MET B 375 -26.89 8.25 3.89
C MET B 375 -27.13 7.17 2.85
N GLY B 376 -26.47 6.05 3.06
CA GLY B 376 -26.60 4.94 2.15
C GLY B 376 -25.67 3.80 2.50
N ARG B 377 -25.42 2.96 1.52
CA ARG B 377 -24.51 1.85 1.67
C ARG B 377 -24.10 1.34 0.28
N VAL B 378 -22.98 0.62 0.24
CA VAL B 378 -22.46 0.05 -1.00
C VAL B 378 -22.19 -1.45 -0.81
N TYR B 379 -22.84 -2.26 -1.63
CA TYR B 379 -22.58 -3.72 -1.69
C TYR B 379 -21.72 -4.07 -2.90
N ASP B 380 -21.89 -3.37 -4.03
CA ASP B 380 -21.24 -3.73 -5.32
C ASP B 380 -21.01 -2.59 -6.33
N PRO B 381 -19.82 -1.98 -6.32
CA PRO B 381 -19.46 -1.07 -7.44
C PRO B 381 -19.07 -1.79 -8.75
#